data_6KC0
#
_entry.id   6KC0
#
_cell.length_a   57.628
_cell.length_b   53.622
_cell.length_c   130.313
_cell.angle_alpha   90.00
_cell.angle_beta   98.97
_cell.angle_gamma   90.00
#
_symmetry.space_group_name_H-M   'P 1 21 1'
#
loop_
_entity.id
_entity.type
_entity.pdbx_description
1 polymer 'CRISPR system single-strand-specific deoxyribonuclease Cas10/Csm1 (subtype III-A),CRISPR system single-strand-specific deoxyribonuclease Cas10/Csm1 (subtype III-A)'
2 non-polymer "ADENOSINE-5'-TRIPHOSPHATE"
3 non-polymer 'MAGNESIUM ION'
4 water water
#
_entity_poly.entity_id   1
_entity_poly.type   'polypeptide(L)'
_entity_poly.pdbx_seq_one_letter_code
;MEIDELTALGGLLHDIGKPVQRAGLYSGDHSTQGARFLRDLAENTGRAEYELLSLFSEFHHKGHMKNDELMIRRIKELSP
ERFGLTMEDVLNALWIVYEADNLASGEREEGQPQASRPLYSVFNPGKAYPWAELDFEKELPVPGDVFSIRSQDYRELVKR
LWEELSKAKLRSDRLLPVLEKYLTFVSSVTSEGNIISLYDHMRMTSAIALAMLRAGCTAEDVRSGRCRKEKRFLLIEGDF
SGIQDFIYRVSGKGTLKYLRARSAYLELIGWDVVLEILSRLGLTRANVVFNAGGHFMIIAQNTPDAVKELEEIRAKAVEW
LYREFESDLYLAIEWEPVSGREFGREGGKNLFAEARKRLKHKLTVRKLKRFGEIKGLFEHGHTERLAECPVCGRELPEGK
LEPSASDPETKVCPTCNRLVSLGGNLPKLLGFGRTAKNDAGVLVEGPFSGFVPYLQGGRPVGEQILVKNTLNPGEIPESA
QFVPYFVADYFKKDPKGGVAMEFGDYVKRASGIARLGVLRLDVDNLGQAFTHGFMEQGNGKFNTISRTAAFSRMLSLFFR
QHINYVLARPKLRPITGDDPARPREATIIYSGGDDVFVVGAWDDVIEFGIELRERFHEFTQGKLTVSAGIGMFPDKYPIS
VMAREVGDLEDAAKSLPGKNGVALFDREFTFGWDELLSKVIEEKYRHIADYFSGNEERGMAFIYKLLELLAERDDRITKA
RWVYFLTRMRNPTGDTAPFQQFANRLHQWFQDPTDAKQLKTALHLYIYRTRKEESE
;
_entity_poly.pdbx_strand_id   A
#
loop_
_chem_comp.id
_chem_comp.type
_chem_comp.name
_chem_comp.formula
ATP non-polymer ADENOSINE-5'-TRIPHOSPHATE 'C10 H16 N5 O13 P3'
MG non-polymer 'MAGNESIUM ION' 'Mg 2'
#
# COMPACT_ATOMS: atom_id res chain seq x y z
N MET A 1 -17.81 18.20 23.00
CA MET A 1 -17.34 17.59 21.76
C MET A 1 -17.82 18.41 20.56
N GLU A 2 -16.91 18.66 19.62
CA GLU A 2 -17.20 19.43 18.41
C GLU A 2 -18.02 18.63 17.40
N ILE A 3 -18.85 19.35 16.63
CA ILE A 3 -19.73 18.71 15.66
C ILE A 3 -18.94 17.91 14.62
N ASP A 4 -17.73 18.34 14.28
CA ASP A 4 -16.98 17.61 13.26
C ASP A 4 -16.44 16.29 13.81
N GLU A 5 -15.99 16.30 15.06
CA GLU A 5 -15.63 15.04 15.73
C GLU A 5 -16.85 14.14 15.90
N LEU A 6 -17.96 14.72 16.33
CA LEU A 6 -19.19 13.95 16.48
C LEU A 6 -19.47 13.15 15.22
N THR A 7 -19.44 13.83 14.07
CA THR A 7 -19.80 13.19 12.82
C THR A 7 -18.76 12.17 12.39
N ALA A 8 -17.47 12.49 12.53
CA ALA A 8 -16.44 11.57 12.03
C ALA A 8 -16.34 10.33 12.89
N LEU A 9 -16.38 10.50 14.21
CA LEU A 9 -16.32 9.33 15.09
C LEU A 9 -17.61 8.52 15.00
N GLY A 10 -18.76 9.21 14.95
CA GLY A 10 -20.03 8.53 14.72
C GLY A 10 -20.01 7.68 13.47
N GLY A 11 -19.39 8.19 12.39
CA GLY A 11 -19.26 7.40 11.18
C GLY A 11 -18.33 6.21 11.32
N LEU A 12 -17.26 6.34 12.11
CA LEU A 12 -16.37 5.19 12.39
C LEU A 12 -17.05 4.13 13.23
N LEU A 13 -17.82 4.54 14.24
CA LEU A 13 -18.33 3.61 15.23
C LEU A 13 -19.77 3.18 14.95
N HIS A 14 -20.40 3.67 13.89
CA HIS A 14 -21.80 3.32 13.62
C HIS A 14 -21.97 1.81 13.51
N ASP A 15 -20.96 1.11 13.02
CA ASP A 15 -21.07 -0.32 12.76
C ASP A 15 -20.32 -1.17 13.76
N ILE A 16 -19.87 -0.59 14.88
CA ILE A 16 -19.07 -1.34 15.87
C ILE A 16 -19.85 -2.54 16.43
N GLY A 17 -21.18 -2.52 16.33
CA GLY A 17 -21.99 -3.61 16.82
C GLY A 17 -21.81 -4.92 16.10
N LYS A 18 -21.20 -4.94 14.92
CA LYS A 18 -21.16 -6.17 14.14
C LYS A 18 -20.28 -7.25 14.77
N PRO A 19 -19.04 -6.98 15.20
CA PRO A 19 -18.31 -8.04 15.92
C PRO A 19 -18.91 -8.34 17.28
N VAL A 20 -19.50 -7.36 17.94
CA VAL A 20 -20.20 -7.60 19.20
C VAL A 20 -21.29 -8.65 18.99
N GLN A 21 -22.20 -8.36 18.07
CA GLN A 21 -23.27 -9.29 17.76
C GLN A 21 -22.72 -10.61 17.22
N ARG A 22 -21.69 -10.58 16.38
CA ARG A 22 -21.10 -11.85 15.95
C ARG A 22 -20.43 -12.60 17.11
N ALA A 23 -20.00 -11.90 18.16
CA ALA A 23 -19.53 -12.58 19.38
C ALA A 23 -20.67 -12.98 20.32
N GLY A 24 -21.90 -12.55 20.08
CA GLY A 24 -22.99 -12.92 20.97
C GLY A 24 -23.02 -12.20 22.31
N LEU A 25 -22.38 -11.02 22.41
CA LEU A 25 -22.25 -10.36 23.70
C LEU A 25 -23.62 -10.11 24.32
N TYR A 26 -24.51 -9.48 23.57
CA TYR A 26 -25.80 -9.11 24.13
C TYR A 26 -26.91 -9.81 23.38
N SER A 27 -27.91 -9.06 22.94
CA SER A 27 -29.00 -9.67 22.20
C SER A 27 -29.56 -8.62 21.26
N GLY A 28 -30.16 -9.06 20.18
CA GLY A 28 -30.68 -8.14 19.18
C GLY A 28 -29.75 -8.00 18.00
N ASP A 29 -30.10 -7.05 17.13
CA ASP A 29 -29.32 -6.77 15.93
C ASP A 29 -28.04 -6.03 16.31
N HIS A 30 -27.19 -5.77 15.31
CA HIS A 30 -25.92 -5.11 15.60
C HIS A 30 -26.13 -3.67 16.01
N SER A 31 -27.17 -3.00 15.49
CA SER A 31 -27.52 -1.66 15.96
C SER A 31 -27.70 -1.64 17.47
N THR A 32 -28.36 -2.66 18.00
CA THR A 32 -28.69 -2.74 19.42
C THR A 32 -27.47 -3.13 20.26
N GLN A 33 -26.72 -4.12 19.80
CA GLN A 33 -25.57 -4.60 20.55
C GLN A 33 -24.42 -3.60 20.49
N GLY A 34 -24.28 -2.85 19.39
CA GLY A 34 -23.26 -1.83 19.32
C GLY A 34 -23.50 -0.71 20.32
N ALA A 35 -24.74 -0.27 20.43
CA ALA A 35 -25.04 0.80 21.39
C ALA A 35 -24.82 0.33 22.81
N ARG A 36 -25.27 -0.89 23.13
CA ARG A 36 -25.02 -1.45 24.46
C ARG A 36 -23.52 -1.51 24.74
N PHE A 37 -22.74 -1.89 23.73
CA PHE A 37 -21.28 -1.97 23.87
C PHE A 37 -20.66 -0.64 24.26
N LEU A 38 -21.00 0.41 23.51
CA LEU A 38 -20.40 1.72 23.72
C LEU A 38 -20.86 2.29 25.04
N ARG A 39 -22.13 2.07 25.39
CA ARG A 39 -22.61 2.44 26.70
C ARG A 39 -21.84 1.68 27.80
N ASP A 40 -21.60 0.38 27.61
CA ASP A 40 -20.78 -0.34 28.59
C ASP A 40 -19.40 0.28 28.66
N LEU A 41 -18.85 0.64 27.52
CA LEU A 41 -17.55 1.29 27.49
C LEU A 41 -17.56 2.60 28.25
N ALA A 42 -18.60 3.42 28.08
CA ALA A 42 -18.71 4.70 28.79
C ALA A 42 -18.74 4.47 30.29
N GLU A 43 -19.63 3.60 30.75
CA GLU A 43 -19.88 3.42 32.17
C GLU A 43 -18.78 2.64 32.86
N ASN A 44 -18.10 1.76 32.14
CA ASN A 44 -17.07 0.95 32.80
C ASN A 44 -15.81 1.76 33.06
N THR A 45 -15.46 2.65 32.13
CA THR A 45 -14.25 3.46 32.21
C THR A 45 -14.50 4.87 32.71
N GLY A 46 -15.58 5.51 32.30
CA GLY A 46 -15.89 6.87 32.72
C GLY A 46 -15.95 7.90 31.60
N ARG A 47 -15.71 7.54 30.35
CA ARG A 47 -15.72 8.50 29.23
C ARG A 47 -17.12 8.65 28.70
N ALA A 48 -17.83 9.69 29.18
CA ALA A 48 -19.25 9.87 28.88
C ALA A 48 -19.51 10.04 27.40
N GLU A 49 -18.49 10.44 26.63
CA GLU A 49 -18.67 10.67 25.20
C GLU A 49 -18.95 9.38 24.42
N TYR A 50 -18.61 8.22 24.98
CA TYR A 50 -19.01 6.96 24.37
C TYR A 50 -20.52 6.74 24.45
N GLU A 51 -21.19 7.36 25.45
CA GLU A 51 -22.64 7.31 25.49
C GLU A 51 -23.23 8.00 24.26
N LEU A 52 -22.89 9.26 24.07
CA LEU A 52 -23.45 10.04 22.97
C LEU A 52 -23.18 9.38 21.62
N LEU A 53 -22.02 8.74 21.50
CA LEU A 53 -21.69 8.00 20.28
C LEU A 53 -22.43 6.67 20.19
N SER A 54 -22.90 6.10 21.30
CA SER A 54 -23.73 4.91 21.18
C SER A 54 -25.01 5.15 20.36
N LEU A 55 -25.48 6.41 20.25
CA LEU A 55 -26.68 6.71 19.46
C LEU A 55 -26.54 6.33 17.98
N PHE A 56 -25.35 6.51 17.42
CA PHE A 56 -25.14 6.25 15.99
C PHE A 56 -25.35 4.79 15.65
N SER A 57 -24.88 3.89 16.53
CA SER A 57 -25.14 2.47 16.34
C SER A 57 -26.62 2.16 16.47
N GLU A 58 -27.29 2.76 17.45
CA GLU A 58 -28.72 2.56 17.63
C GLU A 58 -29.57 2.85 16.39
N PHE A 59 -29.06 3.53 15.36
CA PHE A 59 -29.80 3.52 14.09
C PHE A 59 -29.21 2.53 13.08
N HIS A 60 -29.17 2.88 11.80
CA HIS A 60 -28.29 2.22 10.81
C HIS A 60 -28.86 0.87 10.30
N ASN A 67 -39.75 11.95 11.70
CA ASN A 67 -38.77 11.44 12.66
C ASN A 67 -39.46 10.57 13.71
N ASP A 68 -38.74 9.58 14.21
CA ASP A 68 -39.30 8.66 15.20
C ASP A 68 -39.34 9.30 16.58
N GLU A 69 -40.44 9.03 17.28
CA GLU A 69 -40.56 9.35 18.70
C GLU A 69 -39.34 8.84 19.47
N LEU A 70 -38.99 7.57 19.26
CA LEU A 70 -37.97 6.93 20.10
C LEU A 70 -36.61 7.62 19.96
N MET A 71 -36.25 8.02 18.74
CA MET A 71 -34.98 8.71 18.52
C MET A 71 -34.93 10.02 19.30
N ILE A 72 -35.97 10.84 19.14
CA ILE A 72 -36.06 12.13 19.83
C ILE A 72 -35.94 11.94 21.34
N ARG A 73 -36.76 11.04 21.89
CA ARG A 73 -36.74 10.80 23.31
C ARG A 73 -35.35 10.37 23.76
N ARG A 74 -34.66 9.60 22.91
CA ARG A 74 -33.35 9.07 23.26
C ARG A 74 -32.29 10.18 23.27
N ILE A 75 -32.30 11.04 22.25
CA ILE A 75 -31.37 12.17 22.27
C ILE A 75 -31.65 13.04 23.49
N LYS A 76 -32.92 13.15 23.89
CA LYS A 76 -33.27 13.96 25.04
C LYS A 76 -32.75 13.35 26.34
N GLU A 77 -32.93 12.04 26.51
CA GLU A 77 -32.34 11.35 27.67
C GLU A 77 -30.85 11.63 27.77
N LEU A 78 -30.15 11.59 26.64
CA LEU A 78 -28.70 11.74 26.66
C LEU A 78 -28.29 13.15 27.02
N SER A 79 -29.19 14.12 26.84
CA SER A 79 -28.94 15.53 27.14
C SER A 79 -27.65 16.00 26.45
N PRO A 80 -27.64 16.20 25.14
CA PRO A 80 -26.38 16.52 24.44
C PRO A 80 -25.74 17.84 24.91
N GLU A 81 -26.44 18.65 25.71
CA GLU A 81 -25.89 19.93 26.15
C GLU A 81 -24.69 19.74 27.05
N ARG A 82 -24.58 18.59 27.72
CA ARG A 82 -23.43 18.37 28.59
C ARG A 82 -22.15 18.09 27.81
N PHE A 83 -22.26 17.89 26.50
CA PHE A 83 -21.10 17.82 25.63
C PHE A 83 -20.99 19.06 24.76
N GLY A 84 -21.79 20.08 25.05
CA GLY A 84 -21.76 21.29 24.24
C GLY A 84 -22.42 21.18 22.90
N LEU A 85 -23.40 20.28 22.76
CA LEU A 85 -24.15 20.13 21.52
C LEU A 85 -25.61 20.39 21.76
N THR A 86 -26.31 20.75 20.69
CA THR A 86 -27.76 20.91 20.74
C THR A 86 -28.44 19.64 20.27
N MET A 87 -29.72 19.50 20.67
CA MET A 87 -30.53 18.42 20.15
C MET A 87 -30.50 18.38 18.62
N GLU A 88 -30.55 19.57 17.99
CA GLU A 88 -30.52 19.64 16.53
C GLU A 88 -29.20 19.12 15.98
N ASP A 89 -28.09 19.41 16.68
CA ASP A 89 -26.78 18.95 16.23
C ASP A 89 -26.74 17.43 16.14
N VAL A 90 -27.15 16.74 17.20
CA VAL A 90 -27.03 15.29 17.21
C VAL A 90 -27.90 14.70 16.11
N LEU A 91 -29.09 15.27 15.92
CA LEU A 91 -30.01 14.81 14.89
C LEU A 91 -29.42 14.94 13.49
N ASN A 92 -28.78 16.07 13.20
CA ASN A 92 -28.18 16.23 11.88
C ASN A 92 -27.05 15.25 11.67
N ALA A 93 -26.22 15.04 12.70
CA ALA A 93 -25.14 14.06 12.60
C ALA A 93 -25.70 12.66 12.35
N LEU A 94 -26.73 12.27 13.12
CA LEU A 94 -27.30 10.94 12.93
C LEU A 94 -27.86 10.77 11.51
N TRP A 95 -28.49 11.81 10.96
CA TRP A 95 -28.96 11.70 9.57
C TRP A 95 -27.79 11.69 8.59
N ILE A 96 -26.76 12.50 8.85
CA ILE A 96 -25.60 12.50 7.98
C ILE A 96 -24.92 11.12 7.98
N VAL A 97 -24.67 10.54 9.17
CA VAL A 97 -24.02 9.22 9.20
C VAL A 97 -24.91 8.19 8.52
N TYR A 98 -26.21 8.27 8.76
CA TYR A 98 -27.11 7.33 8.10
C TYR A 98 -26.95 7.39 6.58
N GLU A 99 -26.80 8.59 6.02
CA GLU A 99 -26.64 8.67 4.56
C GLU A 99 -25.24 8.28 4.12
N ALA A 100 -24.21 8.69 4.87
CA ALA A 100 -22.83 8.26 4.57
C ALA A 100 -22.74 6.74 4.46
N ASP A 101 -23.45 6.02 5.33
CA ASP A 101 -23.36 4.58 5.34
C ASP A 101 -24.04 3.99 4.10
N ASN A 102 -25.19 4.55 3.72
CA ASN A 102 -25.83 4.15 2.47
C ASN A 102 -24.95 4.43 1.26
N LEU A 103 -24.29 5.60 1.22
CA LEU A 103 -23.41 5.94 0.09
C LEU A 103 -22.16 5.09 0.08
N ALA A 104 -21.62 4.79 1.26
CA ALA A 104 -20.45 3.93 1.30
C ALA A 104 -20.90 2.49 0.98
N PRO A 113 -25.61 -11.77 6.21
CA PRO A 113 -26.75 -12.67 6.42
C PRO A 113 -26.49 -13.82 7.40
N GLN A 114 -25.23 -14.22 7.57
CA GLN A 114 -24.87 -15.27 8.52
C GLN A 114 -23.59 -14.90 9.23
N ALA A 115 -23.65 -14.73 10.55
CA ALA A 115 -22.56 -14.14 11.29
C ALA A 115 -21.25 -14.93 11.22
N SER A 116 -21.24 -16.12 10.61
CA SER A 116 -20.01 -16.89 10.52
C SER A 116 -19.31 -16.71 9.18
N ARG A 117 -19.76 -15.78 8.36
CA ARG A 117 -18.99 -15.80 7.12
C ARG A 117 -17.76 -14.90 7.21
N PRO A 118 -16.64 -15.32 6.67
CA PRO A 118 -15.42 -14.51 6.74
C PRO A 118 -15.38 -13.53 5.57
N LEU A 119 -14.33 -12.71 5.58
CA LEU A 119 -14.07 -11.80 4.47
C LEU A 119 -13.50 -12.59 3.30
N TYR A 120 -14.13 -12.48 2.13
CA TYR A 120 -13.63 -13.16 0.95
C TYR A 120 -12.53 -12.35 0.27
N SER A 121 -11.67 -13.05 -0.46
CA SER A 121 -10.49 -12.45 -1.07
C SER A 121 -10.84 -11.63 -2.29
N VAL A 122 -10.14 -10.50 -2.44
CA VAL A 122 -10.37 -9.60 -3.57
C VAL A 122 -10.02 -10.29 -4.88
N PHE A 123 -9.06 -11.23 -4.86
CA PHE A 123 -8.58 -11.89 -6.07
C PHE A 123 -9.33 -13.16 -6.44
N ASN A 124 -10.16 -13.70 -5.55
CA ASN A 124 -11.01 -14.83 -5.91
C ASN A 124 -12.17 -14.89 -4.92
N PRO A 125 -13.39 -14.53 -5.34
CA PRO A 125 -14.52 -14.58 -4.41
C PRO A 125 -14.96 -16.01 -4.15
N GLY A 126 -14.00 -16.88 -3.90
CA GLY A 126 -14.26 -18.27 -3.59
C GLY A 126 -13.38 -18.71 -2.43
N LYS A 127 -12.34 -17.93 -2.16
CA LYS A 127 -11.46 -18.15 -1.02
C LYS A 127 -11.62 -17.01 -0.03
N ALA A 128 -11.12 -17.23 1.19
CA ALA A 128 -11.39 -16.28 2.26
C ALA A 128 -10.33 -16.40 3.34
N TYR A 129 -10.17 -15.30 4.10
CA TYR A 129 -9.21 -15.12 5.19
C TYR A 129 -9.82 -15.60 6.50
N PRO A 130 -9.09 -16.39 7.28
CA PRO A 130 -9.47 -16.55 8.69
C PRO A 130 -9.15 -15.26 9.42
N TRP A 131 -9.90 -14.98 10.49
CA TRP A 131 -9.67 -13.72 11.17
C TRP A 131 -8.28 -13.69 11.79
N ALA A 132 -7.60 -12.55 11.63
CA ALA A 132 -6.34 -12.29 12.30
C ALA A 132 -6.27 -10.82 12.66
N GLU A 133 -5.54 -10.53 13.72
CA GLU A 133 -5.22 -9.16 14.07
C GLU A 133 -4.03 -8.68 13.24
N LEU A 134 -4.13 -7.44 12.74
CA LEU A 134 -2.99 -6.82 12.11
C LEU A 134 -1.89 -6.55 13.14
N ASP A 135 -0.74 -6.11 12.66
CA ASP A 135 0.34 -5.57 13.49
C ASP A 135 0.90 -6.61 14.47
N PHE A 136 1.16 -7.80 13.93
CA PHE A 136 1.79 -8.89 14.65
C PHE A 136 2.08 -9.99 13.62
N GLU A 137 3.24 -10.63 13.78
CA GLU A 137 3.85 -11.55 12.80
C GLU A 137 3.09 -11.63 11.48
N LYS A 138 2.89 -10.49 10.81
CA LYS A 138 1.98 -10.37 9.67
C LYS A 138 2.24 -11.45 8.63
N GLU A 139 1.90 -12.69 8.98
CA GLU A 139 2.28 -13.87 8.19
C GLU A 139 1.25 -14.08 7.09
N LEU A 140 1.46 -13.34 6.00
CA LEU A 140 0.75 -13.35 4.72
C LEU A 140 -0.62 -14.02 4.79
N PRO A 141 -1.58 -13.49 5.59
CA PRO A 141 -2.93 -14.05 5.54
C PRO A 141 -3.45 -14.01 4.12
N VAL A 142 -3.45 -15.17 3.46
CA VAL A 142 -3.78 -15.27 2.04
C VAL A 142 -5.05 -16.09 1.90
N PRO A 143 -5.74 -16.06 0.75
CA PRO A 143 -7.06 -16.70 0.65
C PRO A 143 -7.05 -18.23 0.64
N GLY A 144 -7.48 -18.85 1.75
CA GLY A 144 -7.77 -20.27 1.78
C GLY A 144 -9.25 -20.55 1.56
N ASP A 145 -9.59 -21.84 1.60
CA ASP A 145 -10.98 -22.24 1.37
C ASP A 145 -11.89 -21.64 2.44
N VAL A 146 -13.20 -21.72 2.20
CA VAL A 146 -14.21 -21.05 3.03
C VAL A 146 -14.30 -21.73 4.39
N PHE A 147 -13.69 -21.10 5.40
CA PHE A 147 -13.77 -21.54 6.79
C PHE A 147 -14.57 -20.50 7.54
N SER A 148 -15.82 -20.84 7.88
CA SER A 148 -16.65 -19.92 8.64
C SER A 148 -16.00 -19.60 9.98
N ILE A 149 -16.29 -18.42 10.51
CA ILE A 149 -15.61 -17.91 11.70
C ILE A 149 -16.41 -18.25 12.94
N ARG A 150 -15.71 -18.70 13.99
CA ARG A 150 -16.35 -19.10 15.23
C ARG A 150 -16.76 -17.90 16.06
N SER A 151 -17.89 -18.06 16.75
CA SER A 151 -18.31 -17.09 17.77
C SER A 151 -17.16 -16.77 18.72
N GLN A 152 -16.32 -17.76 19.03
CA GLN A 152 -15.27 -17.55 20.01
C GLN A 152 -14.08 -16.82 19.43
N ASP A 153 -13.87 -16.87 18.12
CA ASP A 153 -12.92 -15.97 17.49
C ASP A 153 -13.34 -14.53 17.74
N TYR A 154 -14.62 -14.23 17.51
CA TYR A 154 -15.10 -12.86 17.69
C TYR A 154 -15.03 -12.44 19.14
N ARG A 155 -15.15 -13.39 20.06
CA ARG A 155 -15.03 -13.05 21.47
C ARG A 155 -13.63 -12.59 21.81
N GLU A 156 -12.61 -13.29 21.27
CA GLU A 156 -11.24 -12.81 21.44
C GLU A 156 -11.04 -11.47 20.76
N LEU A 157 -11.67 -11.26 19.59
CA LEU A 157 -11.61 -9.97 18.92
C LEU A 157 -12.17 -8.88 19.81
N VAL A 158 -13.39 -9.09 20.31
CA VAL A 158 -14.00 -8.05 21.11
C VAL A 158 -13.18 -7.82 22.37
N LYS A 159 -12.49 -8.84 22.86
CA LYS A 159 -11.65 -8.66 24.04
C LYS A 159 -10.52 -7.68 23.76
N ARG A 160 -9.85 -7.83 22.62
CA ARG A 160 -8.80 -6.88 22.30
C ARG A 160 -9.38 -5.52 21.90
N LEU A 161 -10.51 -5.54 21.21
CA LEU A 161 -11.16 -4.28 20.85
C LEU A 161 -11.45 -3.43 22.06
N TRP A 162 -12.10 -4.05 23.06
CA TRP A 162 -12.47 -3.33 24.28
C TRP A 162 -11.26 -2.76 24.99
N GLU A 163 -10.19 -3.55 25.10
CA GLU A 163 -9.01 -3.05 25.80
C GLU A 163 -8.45 -1.82 25.10
N GLU A 164 -8.30 -1.88 23.77
CA GLU A 164 -7.68 -0.78 23.08
C GLU A 164 -8.61 0.42 22.95
N LEU A 165 -9.93 0.18 22.85
CA LEU A 165 -10.90 1.27 22.89
C LEU A 165 -10.91 1.96 24.25
N SER A 166 -10.79 1.18 25.33
CA SER A 166 -10.69 1.71 26.68
C SER A 166 -9.57 2.73 26.80
N LYS A 167 -8.47 2.51 26.10
CA LYS A 167 -7.22 3.25 26.31
C LYS A 167 -7.03 4.38 25.32
N ALA A 168 -7.71 4.35 24.18
CA ALA A 168 -7.41 5.24 23.08
C ALA A 168 -8.13 6.57 23.26
N LYS A 169 -7.46 7.63 22.85
CA LYS A 169 -8.08 8.95 22.81
C LYS A 169 -9.28 8.90 21.88
N LEU A 170 -10.35 9.56 22.29
CA LEU A 170 -11.56 9.57 21.47
C LEU A 170 -11.31 10.59 20.36
N ARG A 171 -10.54 10.15 19.38
CA ARG A 171 -10.09 11.05 18.33
C ARG A 171 -9.85 10.22 17.08
N SER A 172 -10.17 10.77 15.91
CA SER A 172 -10.02 10.00 14.67
C SER A 172 -8.62 9.42 14.50
N ASP A 173 -7.58 10.22 14.78
CA ASP A 173 -6.24 9.70 14.50
C ASP A 173 -5.86 8.57 15.45
N ARG A 174 -6.53 8.44 16.60
CA ARG A 174 -6.28 7.32 17.49
C ARG A 174 -7.27 6.19 17.34
N LEU A 175 -8.49 6.48 16.88
CA LEU A 175 -9.50 5.42 16.73
C LEU A 175 -9.28 4.60 15.48
N LEU A 176 -9.04 5.28 14.34
CA LEU A 176 -8.68 4.65 13.08
C LEU A 176 -7.71 3.47 13.21
N PRO A 177 -6.51 3.65 13.76
CA PRO A 177 -5.57 2.52 13.81
C PRO A 177 -6.05 1.34 14.66
N VAL A 178 -6.81 1.57 15.73
CA VAL A 178 -7.40 0.47 16.48
C VAL A 178 -8.37 -0.29 15.59
N LEU A 179 -9.23 0.43 14.86
CA LEU A 179 -10.16 -0.27 13.98
C LEU A 179 -9.42 -0.98 12.87
N GLU A 180 -8.34 -0.40 12.34
CA GLU A 180 -7.60 -1.09 11.30
C GLU A 180 -6.91 -2.34 11.82
N LYS A 181 -6.40 -2.26 13.06
CA LYS A 181 -5.66 -3.36 13.63
C LYS A 181 -6.53 -4.61 13.74
N TYR A 182 -7.78 -4.46 14.14
CA TYR A 182 -8.58 -5.61 14.50
C TYR A 182 -9.68 -5.94 13.50
N LEU A 183 -10.03 -5.02 12.58
CA LEU A 183 -11.20 -5.20 11.73
C LEU A 183 -10.83 -5.24 10.25
N THR A 184 -9.55 -5.36 9.95
CA THR A 184 -9.07 -5.44 8.57
C THR A 184 -9.41 -6.77 7.92
N PHE A 185 -9.52 -7.82 8.72
CA PHE A 185 -9.90 -9.13 8.18
C PHE A 185 -11.27 -9.56 8.67
N VAL A 186 -12.12 -8.60 9.01
CA VAL A 186 -13.51 -8.88 9.33
C VAL A 186 -14.34 -8.45 8.15
N SER A 187 -15.25 -9.30 7.72
CA SER A 187 -16.16 -8.93 6.64
C SER A 187 -17.11 -7.82 7.09
N SER A 188 -17.34 -6.84 6.22
CA SER A 188 -18.21 -5.73 6.61
C SER A 188 -19.67 -6.17 6.60
N VAL A 189 -20.04 -6.99 5.63
CA VAL A 189 -21.40 -7.52 5.52
C VAL A 189 -21.22 -8.99 5.18
N THR A 190 -21.76 -9.88 6.01
CA THR A 190 -21.50 -11.32 5.86
C THR A 190 -22.33 -12.00 4.76
N SER A 191 -22.57 -11.34 3.63
CA SER A 191 -22.95 -12.09 2.45
C SER A 191 -21.74 -12.88 1.97
N GLU A 192 -21.98 -13.83 1.08
CA GLU A 192 -20.83 -14.55 0.53
C GLU A 192 -20.28 -13.79 -0.66
N GLY A 193 -18.96 -13.91 -0.86
CA GLY A 193 -18.27 -13.11 -1.85
C GLY A 193 -18.04 -11.66 -1.47
N ASN A 194 -18.41 -11.24 -0.26
CA ASN A 194 -18.15 -9.86 0.14
C ASN A 194 -16.64 -9.66 0.31
N ILE A 195 -16.11 -8.62 -0.32
CA ILE A 195 -14.67 -8.34 -0.32
C ILE A 195 -14.31 -7.07 0.44
N ILE A 196 -15.26 -6.43 1.10
CA ILE A 196 -15.03 -5.18 1.82
C ILE A 196 -14.87 -5.50 3.30
N SER A 197 -13.72 -5.14 3.87
CA SER A 197 -13.53 -5.34 5.30
C SER A 197 -14.37 -4.34 6.10
N LEU A 198 -14.63 -4.69 7.36
CA LEU A 198 -15.34 -3.77 8.24
C LEU A 198 -14.55 -2.48 8.44
N TYR A 199 -13.22 -2.56 8.53
CA TYR A 199 -12.41 -1.34 8.60
C TYR A 199 -12.62 -0.45 7.37
N ASP A 200 -12.60 -1.04 6.18
CA ASP A 200 -12.78 -0.24 4.96
C ASP A 200 -14.15 0.44 4.96
N HIS A 201 -15.18 -0.28 5.36
CA HIS A 201 -16.50 0.35 5.38
C HIS A 201 -16.59 1.45 6.44
N MET A 202 -16.00 1.25 7.62
CA MET A 202 -16.10 2.29 8.67
C MET A 202 -15.38 3.56 8.25
N ARG A 203 -14.17 3.45 7.71
CA ARG A 203 -13.44 4.67 7.36
C ARG A 203 -14.12 5.38 6.19
N MET A 204 -14.64 4.62 5.22
CA MET A 204 -15.38 5.23 4.10
C MET A 204 -16.64 5.93 4.59
N THR A 205 -17.38 5.29 5.50
CA THR A 205 -18.51 5.95 6.13
C THR A 205 -18.08 7.24 6.81
N SER A 206 -17.00 7.18 7.61
CA SER A 206 -16.50 8.38 8.28
C SER A 206 -16.06 9.44 7.27
N ALA A 207 -15.35 9.01 6.21
CA ALA A 207 -14.86 9.96 5.21
C ALA A 207 -16.02 10.70 4.55
N ILE A 208 -17.08 9.98 4.20
CA ILE A 208 -18.16 10.61 3.45
C ILE A 208 -19.03 11.45 4.38
N ALA A 209 -19.17 11.03 5.62
CA ALA A 209 -19.97 11.81 6.55
C ALA A 209 -19.29 13.15 6.84
N LEU A 210 -17.97 13.15 7.07
CA LEU A 210 -17.28 14.41 7.34
C LEU A 210 -17.33 15.32 6.11
N ALA A 211 -17.24 14.73 4.93
CA ALA A 211 -17.36 15.53 3.71
C ALA A 211 -18.75 16.14 3.61
N MET A 212 -19.79 15.37 3.92
CA MET A 212 -21.13 15.94 3.86
C MET A 212 -21.27 17.09 4.83
N LEU A 213 -20.66 16.96 6.02
CA LEU A 213 -20.71 18.04 7.00
C LEU A 213 -20.02 19.28 6.48
N ARG A 214 -18.84 19.11 5.88
CA ARG A 214 -18.14 20.27 5.32
C ARG A 214 -18.85 20.82 4.08
N ALA A 215 -19.58 20.00 3.33
CA ALA A 215 -20.38 20.55 2.24
C ALA A 215 -21.62 21.26 2.73
N GLY A 216 -21.90 21.23 4.03
CA GLY A 216 -23.10 21.89 4.54
C GLY A 216 -24.37 21.06 4.47
N CYS A 217 -24.27 19.76 4.22
CA CYS A 217 -25.47 18.95 4.10
C CYS A 217 -26.20 18.94 5.43
N THR A 218 -27.52 19.01 5.36
CA THR A 218 -28.36 19.00 6.55
C THR A 218 -29.26 17.77 6.53
N ALA A 219 -29.99 17.57 7.63
CA ALA A 219 -30.93 16.47 7.67
C ALA A 219 -31.99 16.62 6.59
N GLU A 220 -32.26 17.87 6.17
CA GLU A 220 -33.24 18.09 5.11
C GLU A 220 -32.70 17.63 3.76
N ASP A 221 -31.44 17.97 3.45
CA ASP A 221 -30.82 17.49 2.23
C ASP A 221 -30.82 15.97 2.16
N VAL A 222 -30.69 15.31 3.31
CA VAL A 222 -30.58 13.85 3.35
C VAL A 222 -31.93 13.22 3.04
N ARG A 223 -32.98 13.69 3.70
CA ARG A 223 -34.30 13.12 3.47
C ARG A 223 -34.79 13.41 2.07
N SER A 224 -34.44 14.55 1.50
CA SER A 224 -34.81 14.86 0.13
C SER A 224 -34.09 13.99 -0.88
N GLY A 225 -32.97 13.37 -0.50
CA GLY A 225 -32.16 12.66 -1.46
C GLY A 225 -31.20 13.53 -2.22
N ARG A 226 -31.00 14.78 -1.79
CA ARG A 226 -30.19 15.74 -2.54
C ARG A 226 -28.70 15.42 -2.49
N CYS A 227 -28.23 14.71 -1.46
CA CYS A 227 -26.83 14.33 -1.40
C CYS A 227 -26.50 13.15 -2.32
N ARG A 228 -27.51 12.37 -2.71
CA ARG A 228 -27.30 11.34 -3.73
C ARG A 228 -27.22 11.94 -5.14
N LYS A 229 -27.99 13.00 -5.39
CA LYS A 229 -28.24 13.50 -6.75
C LYS A 229 -27.20 14.53 -7.18
N GLU A 230 -26.90 15.48 -6.28
CA GLU A 230 -26.14 16.69 -6.52
C GLU A 230 -24.63 16.47 -6.28
N LYS A 231 -23.83 17.31 -6.93
CA LYS A 231 -22.37 17.16 -6.90
C LYS A 231 -21.80 17.82 -5.62
N ARG A 232 -22.04 17.17 -4.49
CA ARG A 232 -21.66 17.73 -3.20
C ARG A 232 -20.23 17.38 -2.77
N PHE A 233 -19.57 16.46 -3.46
CA PHE A 233 -18.26 15.96 -3.07
C PHE A 233 -17.21 16.33 -4.11
N LEU A 234 -15.95 16.27 -3.72
CA LEU A 234 -14.85 16.24 -4.68
C LEU A 234 -14.09 14.94 -4.55
N LEU A 235 -13.74 14.37 -5.69
CA LEU A 235 -12.75 13.30 -5.74
C LEU A 235 -11.44 13.96 -6.16
N ILE A 236 -10.49 14.02 -5.23
CA ILE A 236 -9.17 14.62 -5.44
C ILE A 236 -8.20 13.50 -5.75
N GLU A 237 -7.32 13.73 -6.73
CA GLU A 237 -6.32 12.73 -7.08
C GLU A 237 -5.00 13.42 -7.39
N GLY A 238 -3.94 12.90 -6.81
CA GLY A 238 -2.62 13.46 -6.98
C GLY A 238 -1.64 12.39 -7.41
N ASP A 239 -0.66 12.79 -8.19
CA ASP A 239 0.25 11.79 -8.73
C ASP A 239 1.56 12.46 -9.09
N PHE A 240 2.66 11.91 -8.61
CA PHE A 240 3.97 12.41 -9.00
C PHE A 240 4.36 11.83 -10.36
N SER A 241 5.10 12.65 -11.11
CA SER A 241 5.77 12.19 -12.33
C SER A 241 7.22 12.67 -12.31
N GLY A 242 8.08 11.89 -12.97
CA GLY A 242 9.50 12.14 -12.94
C GLY A 242 10.24 11.40 -11.86
N ILE A 243 9.66 10.33 -11.30
CA ILE A 243 10.22 9.69 -10.13
C ILE A 243 11.59 9.09 -10.42
N GLN A 244 11.73 8.43 -11.58
CA GLN A 244 13.01 7.81 -11.91
C GLN A 244 14.13 8.84 -11.98
N ASP A 245 13.84 10.02 -12.54
CA ASP A 245 14.86 11.06 -12.55
C ASP A 245 15.10 11.60 -11.15
N PHE A 246 14.05 11.71 -10.34
CA PHE A 246 14.25 12.26 -9.00
C PHE A 246 15.05 11.29 -8.11
N ILE A 247 14.76 10.00 -8.21
CA ILE A 247 15.38 9.04 -7.30
C ILE A 247 16.73 8.58 -7.82
N TYR A 248 16.78 8.12 -9.06
CA TYR A 248 17.92 7.36 -9.56
C TYR A 248 18.82 8.15 -10.49
N ARG A 249 18.80 9.47 -10.42
CA ARG A 249 19.69 10.26 -11.28
C ARG A 249 20.90 10.75 -10.48
N VAL A 250 21.59 9.80 -9.87
CA VAL A 250 22.76 10.13 -9.08
C VAL A 250 24.00 9.48 -9.69
N SER A 251 25.15 10.09 -9.42
CA SER A 251 26.42 9.72 -10.00
C SER A 251 26.96 8.44 -9.36
N GLY A 252 28.22 8.13 -9.67
CA GLY A 252 28.89 7.03 -9.00
C GLY A 252 29.01 7.27 -7.51
N LYS A 253 29.46 8.46 -7.12
CA LYS A 253 29.33 8.88 -5.73
C LYS A 253 27.85 9.03 -5.41
N GLY A 254 27.48 8.66 -4.21
CA GLY A 254 26.08 8.44 -3.93
C GLY A 254 25.93 7.03 -3.45
N THR A 255 25.89 6.86 -2.14
CA THR A 255 25.88 5.55 -1.52
C THR A 255 24.50 4.90 -1.64
N LEU A 256 24.45 3.64 -1.22
CA LEU A 256 23.16 2.99 -1.04
C LEU A 256 22.37 3.65 0.08
N LYS A 257 23.03 4.02 1.18
CA LYS A 257 22.33 4.78 2.22
C LYS A 257 21.70 6.04 1.66
N TYR A 258 22.46 6.77 0.83
CA TYR A 258 21.98 8.03 0.29
C TYR A 258 20.72 7.83 -0.57
N LEU A 259 20.67 6.73 -1.32
CA LEU A 259 19.50 6.47 -2.15
C LEU A 259 18.29 6.09 -1.32
N ARG A 260 18.51 5.42 -0.18
CA ARG A 260 17.39 5.03 0.65
C ARG A 260 16.75 6.27 1.25
N ALA A 261 17.58 7.24 1.67
CA ALA A 261 17.07 8.49 2.20
C ALA A 261 16.33 9.27 1.11
N ARG A 262 16.88 9.27 -0.09
CA ARG A 262 16.25 9.93 -1.23
C ARG A 262 14.84 9.41 -1.45
N SER A 263 14.71 8.08 -1.45
CA SER A 263 13.40 7.46 -1.59
C SER A 263 12.49 7.78 -0.40
N ALA A 264 13.03 7.78 0.83
CA ALA A 264 12.20 8.12 1.97
C ALA A 264 11.79 9.60 1.95
N TYR A 265 12.64 10.46 1.39
CA TYR A 265 12.33 11.90 1.30
C TYR A 265 11.13 12.14 0.40
N LEU A 266 11.08 11.45 -0.75
CA LEU A 266 9.94 11.57 -1.64
C LEU A 266 8.63 11.08 -0.98
N GLU A 267 8.69 10.07 -0.12
CA GLU A 267 7.48 9.70 0.62
C GLU A 267 7.03 10.84 1.50
N LEU A 268 7.97 11.48 2.18
CA LEU A 268 7.66 12.64 3.01
C LEU A 268 7.07 13.78 2.18
N ILE A 269 7.63 14.05 1.00
CA ILE A 269 7.09 15.13 0.18
C ILE A 269 5.63 14.87 -0.17
N GLY A 270 5.27 13.60 -0.44
CA GLY A 270 3.89 13.29 -0.76
C GLY A 270 2.95 13.36 0.44
N TRP A 271 3.40 12.87 1.61
CA TRP A 271 2.65 13.06 2.84
C TRP A 271 2.49 14.53 3.22
N ASP A 272 3.47 15.38 2.90
CA ASP A 272 3.30 16.79 3.20
C ASP A 272 2.11 17.35 2.45
N VAL A 273 1.97 16.99 1.17
CA VAL A 273 0.85 17.48 0.38
C VAL A 273 -0.46 16.91 0.89
N VAL A 274 -0.49 15.61 1.20
CA VAL A 274 -1.72 14.96 1.63
C VAL A 274 -2.22 15.56 2.93
N LEU A 275 -1.33 15.69 3.92
CA LEU A 275 -1.73 16.20 5.22
C LEU A 275 -2.09 17.68 5.17
N GLU A 276 -1.47 18.44 4.26
CA GLU A 276 -1.90 19.82 4.04
C GLU A 276 -3.31 19.87 3.49
N ILE A 277 -3.67 18.96 2.57
CA ILE A 277 -5.03 18.94 2.03
C ILE A 277 -6.03 18.59 3.13
N LEU A 278 -5.71 17.57 3.93
CA LEU A 278 -6.61 17.17 5.01
C LEU A 278 -6.77 18.31 6.03
N SER A 279 -5.66 18.88 6.48
CA SER A 279 -5.64 20.06 7.36
C SER A 279 -6.49 21.19 6.81
N ARG A 280 -6.21 21.61 5.57
CA ARG A 280 -6.81 22.84 5.06
C ARG A 280 -8.30 22.68 4.81
N LEU A 281 -8.74 21.50 4.37
CA LEU A 281 -10.15 21.22 4.12
C LEU A 281 -10.89 20.69 5.35
N GLY A 282 -10.24 20.46 6.47
CA GLY A 282 -10.97 20.03 7.67
C GLY A 282 -11.34 18.56 7.66
N LEU A 283 -10.48 17.70 7.15
CA LEU A 283 -10.77 16.29 6.99
C LEU A 283 -9.87 15.48 7.91
N THR A 284 -10.08 14.17 7.87
CA THR A 284 -9.40 13.17 8.67
C THR A 284 -8.59 12.27 7.74
N ARG A 285 -7.64 11.50 8.31
CA ARG A 285 -6.97 10.48 7.50
C ARG A 285 -7.94 9.48 6.88
N ALA A 286 -9.14 9.34 7.43
CA ALA A 286 -10.14 8.49 6.81
C ALA A 286 -10.49 8.97 5.40
N ASN A 287 -10.29 10.24 5.07
CA ASN A 287 -10.67 10.72 3.73
C ASN A 287 -9.67 10.30 2.66
N VAL A 288 -8.52 9.78 3.08
CA VAL A 288 -7.49 9.25 2.20
C VAL A 288 -7.98 7.87 1.75
N VAL A 289 -8.59 7.80 0.56
CA VAL A 289 -8.95 6.51 -0.01
C VAL A 289 -7.71 5.64 -0.18
N PHE A 290 -6.64 6.19 -0.75
CA PHE A 290 -5.36 5.48 -0.74
C PHE A 290 -4.25 6.49 -0.92
N ASN A 291 -3.04 6.09 -0.53
CA ASN A 291 -1.84 6.88 -0.82
C ASN A 291 -0.70 5.89 -1.08
N ALA A 292 -0.45 5.62 -2.36
CA ALA A 292 0.37 4.48 -2.77
C ALA A 292 1.29 4.93 -3.88
N GLY A 293 2.60 4.85 -3.65
CA GLY A 293 3.59 5.16 -4.68
C GLY A 293 3.63 6.61 -5.14
N GLY A 294 3.41 7.55 -4.22
CA GLY A 294 3.20 8.92 -4.64
C GLY A 294 2.04 9.05 -5.61
N HIS A 295 0.91 8.44 -5.26
CA HIS A 295 -0.34 8.55 -6.02
C HIS A 295 -1.45 8.41 -5.00
N PHE A 296 -2.22 9.47 -4.78
CA PHE A 296 -3.20 9.45 -3.71
C PHE A 296 -4.57 9.83 -4.26
N MET A 297 -5.60 9.45 -3.49
CA MET A 297 -6.98 9.82 -3.77
C MET A 297 -7.66 10.20 -2.45
N ILE A 298 -8.36 11.32 -2.43
CA ILE A 298 -8.97 11.85 -1.21
C ILE A 298 -10.42 12.20 -1.50
N ILE A 299 -11.33 11.87 -0.57
CA ILE A 299 -12.75 12.28 -0.67
C ILE A 299 -12.95 13.54 0.14
N ALA A 300 -13.55 14.56 -0.48
CA ALA A 300 -13.67 15.86 0.13
C ALA A 300 -15.03 16.48 -0.20
N GLN A 301 -15.30 17.63 0.41
CA GLN A 301 -16.46 18.45 0.10
C GLN A 301 -16.24 19.26 -1.17
N ASN A 302 -17.32 19.42 -1.92
CA ASN A 302 -17.34 20.36 -3.04
C ASN A 302 -17.95 21.68 -2.56
N THR A 303 -17.10 22.60 -2.14
CA THR A 303 -17.51 23.97 -1.86
C THR A 303 -16.59 24.92 -2.61
N PRO A 304 -17.05 26.15 -2.89
CA PRO A 304 -16.13 27.18 -3.40
C PRO A 304 -14.88 27.37 -2.55
N ASP A 305 -15.04 27.47 -1.23
CA ASP A 305 -13.91 27.56 -0.31
C ASP A 305 -12.91 26.41 -0.48
N ALA A 306 -13.38 25.17 -0.49
CA ALA A 306 -12.47 24.02 -0.62
C ALA A 306 -11.70 24.09 -1.94
N VAL A 307 -12.41 24.33 -3.05
CA VAL A 307 -11.75 24.54 -4.34
C VAL A 307 -10.64 25.58 -4.24
N LYS A 308 -10.92 26.75 -3.65
CA LYS A 308 -9.84 27.72 -3.72
C LYS A 308 -8.71 27.44 -2.72
N GLU A 309 -8.99 26.69 -1.63
CA GLU A 309 -7.91 26.06 -0.89
C GLU A 309 -7.10 25.10 -1.77
N LEU A 310 -7.78 24.26 -2.56
CA LEU A 310 -7.04 23.29 -3.37
C LEU A 310 -6.20 23.98 -4.40
N GLU A 311 -6.77 25.00 -5.06
CA GLU A 311 -6.02 25.78 -6.03
C GLU A 311 -4.79 26.42 -5.41
N GLU A 312 -4.85 26.83 -4.13
CA GLU A 312 -3.66 27.45 -3.55
C GLU A 312 -2.63 26.41 -3.15
N ILE A 313 -3.09 25.29 -2.59
CA ILE A 313 -2.18 24.21 -2.23
C ILE A 313 -1.45 23.70 -3.46
N ARG A 314 -2.19 23.50 -4.56
CA ARG A 314 -1.57 23.01 -5.78
C ARG A 314 -0.53 23.98 -6.30
N ALA A 315 -0.87 25.27 -6.38
CA ALA A 315 0.07 26.27 -6.87
C ALA A 315 1.33 26.28 -6.02
N LYS A 316 1.16 26.33 -4.69
CA LYS A 316 2.30 26.32 -3.78
C LYS A 316 3.17 25.07 -3.96
N ALA A 317 2.55 23.88 -3.98
CA ALA A 317 3.35 22.66 -4.13
C ALA A 317 4.08 22.64 -5.47
N VAL A 318 3.40 23.03 -6.56
CA VAL A 318 4.05 23.07 -7.87
C VAL A 318 5.19 24.09 -7.87
N GLU A 319 4.97 25.24 -7.24
CA GLU A 319 6.02 26.25 -7.17
C GLU A 319 7.22 25.72 -6.40
N TRP A 320 6.98 25.14 -5.23
CA TRP A 320 8.09 24.63 -4.43
C TRP A 320 8.85 23.54 -5.18
N LEU A 321 8.13 22.60 -5.80
CA LEU A 321 8.81 21.53 -6.53
C LEU A 321 9.74 22.09 -7.61
N TYR A 322 9.28 23.10 -8.35
CA TYR A 322 10.11 23.62 -9.43
C TYR A 322 11.34 24.35 -8.89
N ARG A 323 11.20 25.08 -7.78
CA ARG A 323 12.36 25.82 -7.28
C ARG A 323 13.36 24.87 -6.63
N GLU A 324 12.90 23.77 -6.03
CA GLU A 324 13.84 22.85 -5.37
C GLU A 324 14.56 21.94 -6.35
N PHE A 325 13.88 21.50 -7.41
CA PHE A 325 14.49 20.54 -8.33
C PHE A 325 14.09 20.77 -9.79
N GLU A 326 13.65 21.98 -10.15
CA GLU A 326 13.28 22.33 -11.52
C GLU A 326 12.20 21.39 -12.01
N SER A 327 12.36 20.73 -13.15
CA SER A 327 11.35 19.82 -13.67
C SER A 327 11.62 18.39 -13.25
N ASP A 328 12.62 18.14 -12.41
CA ASP A 328 13.00 16.76 -12.10
C ASP A 328 11.86 15.98 -11.45
N LEU A 329 10.91 16.68 -10.82
CA LEU A 329 9.84 16.05 -10.07
C LEU A 329 8.61 16.92 -10.20
N TYR A 330 7.52 16.36 -10.72
CA TYR A 330 6.29 17.09 -10.90
C TYR A 330 5.11 16.40 -10.20
N LEU A 331 4.31 17.17 -9.48
CA LEU A 331 3.11 16.66 -8.82
C LEU A 331 1.89 17.21 -9.55
N ALA A 332 1.10 16.32 -10.12
CA ALA A 332 -0.16 16.69 -10.73
C ALA A 332 -1.28 16.44 -9.74
N ILE A 333 -2.11 17.46 -9.50
CA ILE A 333 -3.27 17.38 -8.62
C ILE A 333 -4.50 17.83 -9.41
N GLU A 334 -5.57 17.02 -9.36
CA GLU A 334 -6.86 17.39 -9.92
C GLU A 334 -7.99 16.95 -9.00
N TRP A 335 -9.16 17.57 -9.19
CA TRP A 335 -10.35 17.17 -8.47
C TRP A 335 -11.55 17.10 -9.40
N GLU A 336 -12.50 16.22 -9.06
CA GLU A 336 -13.70 15.97 -9.86
C GLU A 336 -14.94 16.06 -8.97
N PRO A 337 -15.85 17.01 -9.22
CA PRO A 337 -17.13 17.02 -8.49
C PRO A 337 -17.93 15.76 -8.80
N VAL A 338 -18.52 15.17 -7.76
CA VAL A 338 -19.28 13.94 -7.90
C VAL A 338 -20.42 13.99 -6.92
N SER A 339 -21.51 13.33 -7.27
CA SER A 339 -22.62 13.11 -6.37
C SER A 339 -22.35 11.87 -5.55
N GLY A 340 -23.10 11.73 -4.45
CA GLY A 340 -22.98 10.54 -3.61
C GLY A 340 -23.28 9.28 -4.39
N ARG A 341 -24.21 9.36 -5.34
CA ARG A 341 -24.52 8.24 -6.21
C ARG A 341 -23.30 7.80 -7.03
N GLU A 342 -22.43 8.73 -7.40
CA GLU A 342 -21.25 8.38 -8.18
C GLU A 342 -20.15 7.70 -7.37
N PHE A 343 -20.29 7.58 -6.04
CA PHE A 343 -19.41 6.66 -5.32
C PHE A 343 -19.73 5.21 -5.66
N GLY A 344 -20.89 4.94 -6.26
CA GLY A 344 -21.32 3.57 -6.46
C GLY A 344 -21.61 3.27 -7.92
N ARG A 345 -22.20 2.11 -8.20
CA ARG A 345 -22.38 1.68 -9.58
C ARG A 345 -23.68 2.21 -10.19
N GLU A 346 -24.76 2.18 -9.42
CA GLU A 346 -26.12 2.15 -9.97
C GLU A 346 -26.22 1.04 -11.01
N GLY A 347 -25.53 -0.07 -10.74
CA GLY A 347 -25.55 -1.25 -11.58
C GLY A 347 -25.11 -1.00 -13.02
N GLY A 348 -26.08 -0.97 -13.93
CA GLY A 348 -25.82 -0.73 -15.33
C GLY A 348 -25.50 0.72 -15.64
N LYS A 349 -25.09 1.50 -14.64
CA LYS A 349 -24.61 2.85 -14.86
C LYS A 349 -23.11 2.96 -14.78
N ASN A 350 -22.47 2.28 -13.83
CA ASN A 350 -21.02 2.31 -13.69
C ASN A 350 -20.54 3.75 -13.47
N LEU A 351 -21.23 4.47 -12.58
CA LEU A 351 -21.00 5.91 -12.42
C LEU A 351 -19.65 6.21 -11.81
N PHE A 352 -19.27 5.43 -10.79
CA PHE A 352 -17.98 5.66 -10.15
C PHE A 352 -16.86 5.48 -11.15
N ALA A 353 -16.97 4.47 -12.03
CA ALA A 353 -15.92 4.24 -13.01
C ALA A 353 -15.83 5.42 -13.97
N GLU A 354 -16.98 5.93 -14.41
CA GLU A 354 -17.01 7.11 -15.26
C GLU A 354 -16.31 8.28 -14.57
N ALA A 355 -16.63 8.50 -13.29
CA ALA A 355 -16.02 9.58 -12.53
C ALA A 355 -14.50 9.43 -12.51
N ARG A 356 -14.02 8.25 -12.11
CA ARG A 356 -12.58 8.01 -12.08
C ARG A 356 -11.93 8.26 -13.44
N LYS A 357 -12.67 8.05 -14.56
CA LYS A 357 -11.95 8.20 -15.81
C LYS A 357 -11.89 9.65 -16.27
N ARG A 358 -12.91 10.45 -15.94
CA ARG A 358 -12.78 11.90 -16.10
C ARG A 358 -11.62 12.44 -15.27
N LEU A 359 -11.48 12.00 -14.02
CA LEU A 359 -10.40 12.46 -13.15
C LEU A 359 -9.04 12.01 -13.67
N LYS A 360 -8.95 10.77 -14.16
CA LYS A 360 -7.73 10.31 -14.80
C LYS A 360 -7.40 11.15 -16.03
N HIS A 361 -8.40 11.51 -16.82
CA HIS A 361 -8.11 12.30 -18.02
C HIS A 361 -7.58 13.69 -17.65
N LYS A 362 -8.21 14.35 -16.68
CA LYS A 362 -7.71 15.65 -16.23
C LYS A 362 -6.28 15.54 -15.74
N LEU A 363 -5.96 14.50 -14.95
CA LEU A 363 -4.61 14.34 -14.42
C LEU A 363 -3.60 14.11 -15.54
N THR A 364 -3.97 13.29 -16.51
CA THR A 364 -3.22 13.16 -17.75
C THR A 364 -2.93 14.53 -18.35
N VAL A 365 -3.96 15.36 -18.49
CA VAL A 365 -3.80 16.68 -19.07
C VAL A 365 -2.90 17.53 -18.18
N ARG A 366 -3.18 17.54 -16.88
CA ARG A 366 -2.34 18.29 -15.94
C ARG A 366 -0.87 17.90 -16.06
N LYS A 367 -0.58 16.61 -16.32
CA LYS A 367 0.81 16.18 -16.43
C LYS A 367 1.50 16.69 -17.69
N LEU A 368 0.76 16.89 -18.79
CA LEU A 368 1.36 17.43 -19.99
C LEU A 368 1.77 18.88 -19.81
N LYS A 369 1.23 19.54 -18.78
CA LYS A 369 1.52 20.93 -18.54
C LYS A 369 2.76 21.12 -17.66
N ARG A 370 3.49 20.05 -17.37
CA ARG A 370 4.54 20.11 -16.36
C ARG A 370 5.77 20.88 -16.79
N PHE A 371 5.91 21.20 -18.09
CA PHE A 371 7.11 21.75 -18.77
C PHE A 371 8.14 20.65 -19.04
N CYS A 389 25.82 19.71 -8.85
CA CYS A 389 26.10 18.84 -7.72
C CYS A 389 26.69 17.52 -8.23
N PRO A 390 27.80 17.07 -7.61
CA PRO A 390 28.39 15.79 -8.03
C PRO A 390 27.43 14.63 -7.88
N VAL A 391 26.63 14.62 -6.82
CA VAL A 391 25.63 13.57 -6.67
C VAL A 391 24.29 13.97 -7.30
N CYS A 392 23.85 15.23 -7.07
CA CYS A 392 22.48 15.69 -7.35
C CYS A 392 22.34 16.22 -8.77
N GLY A 393 23.40 16.80 -9.33
CA GLY A 393 23.31 17.44 -10.63
C GLY A 393 22.89 18.90 -10.54
N ARG A 394 21.73 19.15 -9.91
CA ARG A 394 21.12 20.48 -9.78
C ARG A 394 21.35 21.40 -10.97
N CYS A 413 26.02 19.17 -2.27
CA CYS A 413 24.80 19.97 -2.45
C CYS A 413 24.06 19.94 -1.10
N PRO A 414 23.39 21.04 -0.72
CA PRO A 414 22.92 21.16 0.68
C PRO A 414 21.83 20.17 1.04
N THR A 415 20.84 19.97 0.16
CA THR A 415 19.87 18.92 0.39
C THR A 415 20.54 17.56 0.29
N CYS A 416 21.57 17.45 -0.54
CA CYS A 416 22.33 16.21 -0.65
C CYS A 416 23.09 15.92 0.62
N ASN A 417 23.58 16.96 1.32
CA ASN A 417 24.19 16.76 2.63
C ASN A 417 23.19 16.26 3.66
N ARG A 418 21.95 16.76 3.62
CA ARG A 418 20.94 16.32 4.57
C ARG A 418 20.49 14.90 4.32
N LEU A 419 20.52 14.46 3.06
CA LEU A 419 20.08 13.10 2.77
C LEU A 419 21.12 12.08 3.24
N VAL A 420 22.40 12.44 3.16
CA VAL A 420 23.45 11.62 3.77
C VAL A 420 23.21 11.48 5.27
N SER A 421 22.93 12.60 5.94
CA SER A 421 22.66 12.56 7.37
C SER A 421 21.49 11.63 7.68
N LEU A 422 20.37 11.83 6.99
CA LEU A 422 19.24 10.91 7.15
C LEU A 422 19.63 9.49 6.78
N GLY A 423 20.41 9.33 5.70
CA GLY A 423 20.87 8.01 5.30
C GLY A 423 21.58 7.28 6.42
N GLY A 424 22.43 7.99 7.18
CA GLY A 424 23.04 7.37 8.34
C GLY A 424 22.05 6.98 9.42
N ASN A 425 20.98 7.77 9.58
CA ASN A 425 20.08 7.60 10.70
C ASN A 425 19.00 6.56 10.49
N LEU A 426 18.83 6.06 9.26
CA LEU A 426 17.68 5.22 8.95
C LEU A 426 17.60 3.88 9.70
N PRO A 427 18.70 3.27 10.16
CA PRO A 427 18.54 2.05 11.01
C PRO A 427 17.88 2.31 12.36
N LYS A 428 17.91 3.53 12.88
CA LYS A 428 17.30 3.83 14.16
C LYS A 428 16.13 4.81 14.05
N LEU A 429 15.65 5.07 12.85
CA LEU A 429 14.61 6.08 12.66
C LEU A 429 13.25 5.46 12.96
N LEU A 430 12.53 6.03 13.92
CA LEU A 430 11.18 5.57 14.15
C LEU A 430 10.13 6.36 13.36
N GLY A 431 10.50 7.46 12.71
CA GLY A 431 9.51 8.26 12.01
C GLY A 431 9.96 9.72 11.89
N PHE A 432 8.97 10.58 11.70
CA PHE A 432 9.22 12.00 11.41
C PHE A 432 8.15 12.87 12.04
N GLY A 433 8.59 13.92 12.72
CA GLY A 433 7.69 14.95 13.17
C GLY A 433 7.51 15.96 12.05
N ARG A 434 6.26 16.37 11.83
CA ARG A 434 5.92 17.31 10.78
C ARG A 434 5.59 18.66 11.43
N THR A 435 6.39 19.68 11.12
CA THR A 435 6.34 20.94 11.86
C THR A 435 6.59 22.11 10.92
N ALA A 436 6.69 23.30 11.49
CA ALA A 436 6.98 24.47 10.68
C ALA A 436 8.32 24.31 9.97
N LYS A 437 8.40 24.88 8.76
CA LYS A 437 9.57 24.69 7.90
C LYS A 437 10.90 24.89 8.64
N ASN A 438 11.09 26.03 9.29
CA ASN A 438 12.37 26.33 9.92
C ASN A 438 12.30 26.24 11.45
N ASP A 439 11.53 25.29 11.95
CA ASP A 439 11.60 24.99 13.36
C ASP A 439 12.89 24.22 13.67
N ALA A 440 13.14 24.05 14.97
CA ALA A 440 14.34 23.36 15.43
C ALA A 440 14.26 21.86 15.14
N GLY A 441 15.38 21.29 14.72
CA GLY A 441 15.46 19.87 14.46
C GLY A 441 15.07 19.47 13.05
N VAL A 442 14.63 20.41 12.23
CA VAL A 442 14.19 20.10 10.89
C VAL A 442 15.40 19.65 10.07
N LEU A 443 15.33 18.44 9.52
CA LEU A 443 16.38 17.94 8.64
C LEU A 443 16.09 18.16 7.17
N VAL A 444 14.85 17.91 6.70
CA VAL A 444 14.49 18.16 5.31
C VAL A 444 13.09 18.75 5.25
N GLU A 445 12.81 19.46 4.14
CA GLU A 445 11.54 20.16 3.98
C GLU A 445 10.74 19.63 2.79
N GLY A 446 9.42 19.70 2.94
CA GLY A 446 8.51 19.56 1.83
C GLY A 446 7.94 20.91 1.42
N PRO A 447 6.90 20.91 0.58
CA PRO A 447 6.28 22.18 0.16
C PRO A 447 5.72 22.98 1.31
N PHE A 448 5.31 22.34 2.39
CA PHE A 448 4.64 23.05 3.47
C PHE A 448 5.28 22.86 4.85
N SER A 449 6.11 21.85 5.07
CA SER A 449 6.51 21.58 6.44
C SER A 449 7.99 21.21 6.52
N GLY A 450 8.53 21.32 7.74
CA GLY A 450 9.79 20.70 8.08
C GLY A 450 9.54 19.34 8.73
N PHE A 451 10.45 18.40 8.49
CA PHE A 451 10.36 17.07 9.07
C PHE A 451 11.52 16.85 10.02
N VAL A 452 11.22 16.43 11.24
CA VAL A 452 12.21 16.20 12.28
C VAL A 452 12.35 14.70 12.47
N PRO A 453 13.52 14.13 12.21
CA PRO A 453 13.67 12.67 12.33
C PRO A 453 13.42 12.20 13.75
N TYR A 454 12.53 11.24 13.88
CA TYR A 454 12.20 10.68 15.18
C TYR A 454 13.03 9.41 15.35
N LEU A 455 13.99 9.45 16.27
CA LEU A 455 14.98 8.39 16.38
C LEU A 455 14.77 7.56 17.64
N GLN A 456 15.31 6.34 17.62
CA GLN A 456 15.10 5.37 18.68
C GLN A 456 15.42 5.95 20.06
N GLY A 457 16.42 6.82 20.15
CA GLY A 457 16.69 7.48 21.41
C GLY A 457 15.76 8.66 21.68
N GLY A 458 15.59 9.52 20.68
CA GLY A 458 15.08 10.86 20.88
C GLY A 458 13.61 10.93 21.28
N ARG A 459 13.12 12.17 21.31
CA ARG A 459 11.78 12.54 21.74
C ARG A 459 10.98 13.02 20.54
N PRO A 460 9.84 12.42 20.20
CA PRO A 460 9.13 12.86 18.99
C PRO A 460 8.64 14.29 19.13
N VAL A 461 8.68 15.03 18.01
CA VAL A 461 8.45 16.47 18.00
C VAL A 461 7.62 16.81 16.76
N GLY A 462 6.43 17.35 16.96
CA GLY A 462 5.65 17.85 15.84
C GLY A 462 4.18 17.88 16.16
N GLU A 463 3.41 18.47 15.22
CA GLU A 463 1.95 18.50 15.30
C GLU A 463 1.31 17.29 14.61
N GLN A 464 1.97 16.76 13.59
CA GLN A 464 1.73 15.43 13.08
C GLN A 464 3.02 14.64 13.28
N ILE A 465 2.89 13.40 13.71
CA ILE A 465 4.05 12.53 13.83
C ILE A 465 3.80 11.30 12.98
N LEU A 466 4.55 11.18 11.91
CA LEU A 466 4.54 10.01 11.03
C LEU A 466 5.33 8.90 11.70
N VAL A 467 4.70 7.75 11.93
CA VAL A 467 5.34 6.68 12.69
C VAL A 467 5.41 5.44 11.81
N LYS A 468 6.60 4.83 11.77
CA LYS A 468 6.96 3.89 10.72
C LYS A 468 6.62 2.47 11.13
N ASN A 469 5.77 1.81 10.33
CA ASN A 469 5.56 0.35 10.43
C ASN A 469 4.98 -0.06 11.78
N THR A 470 4.04 0.74 12.29
CA THR A 470 3.33 0.35 13.49
C THR A 470 2.01 1.12 13.55
N LEU A 471 0.99 0.45 14.01
CA LEU A 471 -0.30 1.07 14.28
C LEU A 471 -0.41 1.50 15.74
N ASN A 472 0.68 1.43 16.51
CA ASN A 472 0.65 1.82 17.91
C ASN A 472 1.25 3.21 18.06
N PRO A 473 0.49 4.20 18.55
CA PRO A 473 1.06 5.54 18.70
C PRO A 473 2.12 5.60 19.78
N GLY A 474 1.96 4.85 20.85
CA GLY A 474 2.96 4.69 21.89
C GLY A 474 3.58 5.96 22.45
N GLU A 475 4.76 6.28 21.92
CA GLU A 475 5.63 7.26 22.54
C GLU A 475 5.06 8.67 22.51
N ILE A 476 4.32 9.00 21.46
CA ILE A 476 4.10 10.39 21.04
C ILE A 476 3.26 11.16 22.04
N PRO A 477 3.30 12.48 22.01
CA PRO A 477 2.44 13.28 22.88
C PRO A 477 0.96 13.13 22.53
N GLU A 478 0.13 13.44 23.55
CA GLU A 478 -1.32 13.40 23.38
C GLU A 478 -1.79 14.38 22.31
N SER A 479 -1.20 15.56 22.27
CA SER A 479 -1.63 16.57 21.30
C SER A 479 -1.40 16.12 19.86
N ALA A 480 -0.39 15.29 19.60
CA ALA A 480 0.06 15.09 18.22
C ALA A 480 -0.96 14.26 17.43
N GLN A 481 -1.10 14.60 16.14
CA GLN A 481 -1.83 13.77 15.18
C GLN A 481 -0.98 12.54 14.83
N PHE A 482 -1.43 11.35 15.24
CA PHE A 482 -0.78 10.09 14.86
C PHE A 482 -1.01 9.78 13.37
N VAL A 483 0.07 9.61 12.62
CA VAL A 483 -0.02 9.18 11.22
C VAL A 483 0.89 7.97 11.00
N PRO A 484 0.36 6.76 11.07
CA PRO A 484 1.17 5.59 10.71
C PRO A 484 1.42 5.53 9.21
N TYR A 485 2.66 5.23 8.84
CA TYR A 485 2.94 4.82 7.48
C TYR A 485 3.76 3.53 7.50
N PHE A 486 3.65 2.75 6.42
CA PHE A 486 4.29 1.45 6.32
C PHE A 486 5.19 1.45 5.11
N VAL A 487 6.42 1.00 5.27
CA VAL A 487 7.32 0.82 4.14
C VAL A 487 8.06 -0.49 4.32
N ALA A 488 8.36 -1.10 3.19
CA ALA A 488 9.26 -2.24 3.12
C ALA A 488 10.67 -1.72 3.33
N ASP A 489 11.17 -1.86 4.56
CA ASP A 489 12.48 -1.32 4.88
C ASP A 489 13.45 -2.47 5.10
N TYR A 490 13.60 -3.33 4.10
CA TYR A 490 14.53 -4.44 4.25
C TYR A 490 15.95 -3.97 4.00
N PHE A 491 16.87 -4.56 4.77
CA PHE A 491 18.21 -4.03 4.96
C PHE A 491 19.08 -5.17 5.48
N LYS A 492 19.93 -5.73 4.63
CA LYS A 492 20.90 -6.75 5.07
C LYS A 492 21.81 -6.19 6.15
N ALA A 514 30.67 -12.19 -9.21
CA ALA A 514 31.73 -11.20 -9.37
C ALA A 514 31.13 -9.82 -9.55
N ARG A 515 29.80 -9.75 -9.44
CA ARG A 515 29.02 -8.55 -9.73
C ARG A 515 27.91 -8.44 -8.69
N LEU A 516 27.20 -7.31 -8.71
CA LEU A 516 25.98 -7.15 -7.92
C LEU A 516 24.76 -7.21 -8.81
N GLY A 517 23.63 -7.56 -8.20
CA GLY A 517 22.38 -7.77 -8.92
C GLY A 517 21.39 -6.64 -8.62
N VAL A 518 20.65 -6.23 -9.64
CA VAL A 518 19.61 -5.20 -9.51
C VAL A 518 18.32 -5.74 -10.11
N LEU A 519 17.24 -5.68 -9.36
CA LEU A 519 15.95 -6.16 -9.82
C LEU A 519 14.95 -5.00 -9.86
N ARG A 520 14.20 -4.95 -10.97
CA ARG A 520 12.98 -4.16 -11.06
C ARG A 520 11.84 -5.13 -11.39
N LEU A 521 10.86 -5.23 -10.50
CA LEU A 521 9.64 -5.98 -10.71
C LEU A 521 8.48 -5.00 -10.68
N ASP A 522 7.47 -5.23 -11.51
CA ASP A 522 6.40 -4.27 -11.70
C ASP A 522 5.14 -5.03 -12.13
N VAL A 523 4.02 -4.73 -11.48
CA VAL A 523 2.76 -5.42 -11.79
C VAL A 523 2.29 -5.06 -13.19
N ASP A 524 2.02 -6.09 -13.99
CA ASP A 524 1.59 -5.94 -15.37
C ASP A 524 0.20 -5.34 -15.46
N ASN A 525 0.06 -4.33 -16.31
CA ASN A 525 -1.28 -3.80 -16.58
C ASN A 525 -1.96 -3.44 -15.28
N LEU A 526 -1.27 -2.70 -14.39
CA LEU A 526 -2.07 -2.50 -13.18
C LEU A 526 -3.26 -1.59 -13.51
N GLY A 527 -3.08 -0.61 -14.43
CA GLY A 527 -4.22 0.29 -14.66
C GLY A 527 -5.53 -0.42 -15.01
N GLN A 528 -5.48 -1.39 -15.93
CA GLN A 528 -6.69 -2.02 -16.45
C GLN A 528 -7.50 -2.72 -15.36
N ALA A 529 -6.82 -3.31 -14.37
CA ALA A 529 -7.52 -4.04 -13.33
C ALA A 529 -8.38 -3.10 -12.47
N PHE A 530 -7.88 -1.91 -12.16
CA PHE A 530 -8.68 -0.96 -11.38
C PHE A 530 -9.92 -0.52 -12.14
N THR A 531 -9.83 -0.40 -13.47
CA THR A 531 -10.93 0.12 -14.28
C THR A 531 -11.86 -0.97 -14.79
N HIS A 532 -11.30 -2.13 -15.15
CA HIS A 532 -12.01 -3.36 -15.48
C HIS A 532 -11.45 -4.53 -14.67
N GLY A 533 -10.51 -5.28 -15.25
CA GLY A 533 -9.71 -6.24 -14.52
C GLY A 533 -10.39 -7.46 -13.93
N PHE A 534 -9.86 -8.64 -14.27
CA PHE A 534 -10.37 -9.95 -13.88
C PHE A 534 -11.77 -10.13 -14.48
N GLY A 540 -15.41 -5.73 -13.99
CA GLY A 540 -15.32 -4.50 -13.22
C GLY A 540 -15.78 -4.69 -11.77
N LYS A 541 -15.06 -5.53 -11.02
CA LYS A 541 -15.46 -5.78 -9.64
C LYS A 541 -15.05 -4.69 -8.68
N PHE A 542 -14.23 -3.72 -9.11
CA PHE A 542 -13.73 -2.68 -8.22
C PHE A 542 -14.33 -1.31 -8.52
N ASN A 543 -15.53 -1.28 -9.12
CA ASN A 543 -16.12 -0.05 -9.65
C ASN A 543 -17.03 0.64 -8.64
N THR A 544 -16.71 0.56 -7.36
CA THR A 544 -17.21 1.49 -6.36
C THR A 544 -16.02 1.98 -5.54
N ILE A 545 -16.27 3.07 -4.81
CA ILE A 545 -15.20 3.70 -4.03
C ILE A 545 -14.70 2.73 -2.96
N SER A 546 -15.61 1.96 -2.34
CA SER A 546 -15.19 1.06 -1.26
C SER A 546 -14.44 -0.16 -1.78
N ARG A 547 -14.86 -0.70 -2.91
CA ARG A 547 -14.13 -1.80 -3.49
C ARG A 547 -12.77 -1.33 -4.01
N THR A 548 -12.69 -0.07 -4.45
CA THR A 548 -11.40 0.45 -4.88
C THR A 548 -10.49 0.62 -3.67
N ALA A 549 -11.04 1.09 -2.56
CA ALA A 549 -10.25 1.16 -1.35
C ALA A 549 -9.82 -0.24 -0.89
N ALA A 550 -10.69 -1.24 -1.06
CA ALA A 550 -10.33 -2.58 -0.61
C ALA A 550 -9.25 -3.17 -1.49
N PHE A 551 -9.34 -2.95 -2.80
CA PHE A 551 -8.32 -3.45 -3.71
C PHE A 551 -6.97 -2.76 -3.45
N SER A 552 -6.97 -1.43 -3.38
CA SER A 552 -5.72 -0.69 -3.15
C SER A 552 -5.01 -1.15 -1.89
N ARG A 553 -5.76 -1.32 -0.81
CA ARG A 553 -5.19 -1.67 0.49
C ARG A 553 -4.53 -3.04 0.46
N MET A 554 -5.24 -4.06 -0.02
CA MET A 554 -4.65 -5.38 -0.18
C MET A 554 -3.33 -5.32 -0.92
N LEU A 555 -3.31 -4.59 -2.05
CA LEU A 555 -2.07 -4.43 -2.79
C LEU A 555 -0.99 -3.79 -1.93
N SER A 556 -1.31 -2.70 -1.21
CA SER A 556 -0.30 -2.08 -0.36
C SER A 556 0.21 -3.06 0.70
N LEU A 557 -0.69 -3.87 1.28
CA LEU A 557 -0.25 -4.88 2.23
C LEU A 557 0.80 -5.79 1.65
N PHE A 558 0.73 -6.08 0.36
CA PHE A 558 1.76 -6.92 -0.21
C PHE A 558 3.06 -6.16 -0.36
N PHE A 559 3.02 -4.97 -0.95
CA PHE A 559 4.26 -4.32 -1.31
C PHE A 559 4.92 -3.58 -0.16
N ARG A 560 4.20 -3.26 0.91
CA ARG A 560 4.85 -2.58 2.03
C ARG A 560 5.15 -3.48 3.22
N GLN A 561 4.66 -4.73 3.23
CA GLN A 561 4.89 -5.61 4.38
C GLN A 561 5.27 -7.03 3.97
N HIS A 562 4.47 -7.65 3.09
CA HIS A 562 4.73 -9.06 2.80
C HIS A 562 6.09 -9.26 2.15
N ILE A 563 6.53 -8.30 1.34
CA ILE A 563 7.81 -8.44 0.66
C ILE A 563 8.96 -8.47 1.67
N ASN A 564 8.76 -7.90 2.86
CA ASN A 564 9.76 -8.04 3.92
C ASN A 564 9.99 -9.51 4.29
N TYR A 565 8.90 -10.24 4.58
CA TYR A 565 9.04 -11.65 4.97
C TYR A 565 9.78 -12.46 3.92
N VAL A 566 9.54 -12.18 2.65
CA VAL A 566 10.23 -12.93 1.60
C VAL A 566 11.74 -12.66 1.64
N LEU A 567 12.15 -11.45 2.04
CA LEU A 567 13.57 -11.18 2.18
C LEU A 567 14.15 -11.76 3.47
N ALA A 568 13.34 -11.82 4.53
CA ALA A 568 13.85 -12.26 5.83
C ALA A 568 13.89 -13.77 5.93
N ARG A 569 12.83 -14.45 5.50
CA ARG A 569 12.72 -15.91 5.58
C ARG A 569 12.50 -16.52 4.19
N PRO A 570 13.53 -16.51 3.34
CA PRO A 570 13.39 -17.14 2.02
C PRO A 570 13.38 -18.65 2.11
N LYS A 571 12.77 -19.28 1.10
CA LYS A 571 12.74 -20.73 0.96
C LYS A 571 13.36 -21.25 -0.33
N LEU A 572 13.49 -20.41 -1.36
CA LEU A 572 13.97 -20.85 -2.68
C LEU A 572 15.46 -20.56 -2.80
N ARG A 573 16.28 -21.61 -2.76
CA ARG A 573 17.72 -21.50 -3.00
C ARG A 573 18.17 -22.64 -3.89
N PRO A 574 17.90 -22.56 -5.19
CA PRO A 574 18.42 -23.57 -6.13
C PRO A 574 19.84 -23.26 -6.56
N ILE A 575 20.12 -21.98 -6.83
CA ILE A 575 21.46 -21.53 -7.14
C ILE A 575 22.29 -21.56 -5.86
N THR A 576 22.11 -20.54 -5.01
CA THR A 576 22.62 -20.64 -3.66
C THR A 576 22.06 -21.89 -3.00
N GLY A 577 22.69 -22.35 -1.97
CA GLY A 577 22.25 -23.56 -1.32
C GLY A 577 21.29 -23.29 -0.17
N ASP A 578 20.45 -24.28 0.13
CA ASP A 578 19.57 -24.23 1.29
C ASP A 578 20.39 -24.00 2.56
N ASP A 579 21.13 -25.03 2.99
CA ASP A 579 22.12 -24.99 4.07
C ASP A 579 21.47 -24.32 5.29
N PRO A 580 22.02 -23.30 5.97
CA PRO A 580 21.18 -22.69 7.02
C PRO A 580 20.18 -21.73 6.36
N ALA A 581 18.93 -21.81 6.80
CA ALA A 581 17.95 -20.83 6.35
C ALA A 581 18.46 -19.45 6.72
N ARG A 582 18.69 -18.61 5.72
CA ARG A 582 19.41 -17.36 5.89
C ARG A 582 18.66 -16.26 5.16
N PRO A 583 18.62 -15.05 5.71
CA PRO A 583 18.04 -13.92 4.98
C PRO A 583 18.85 -13.58 3.73
N ARG A 584 18.17 -12.96 2.78
CA ARG A 584 18.79 -12.57 1.52
C ARG A 584 19.83 -11.48 1.74
N GLU A 585 20.91 -11.54 0.94
CA GLU A 585 21.92 -10.48 0.89
C GLU A 585 21.41 -9.42 -0.08
N ALA A 586 20.54 -8.55 0.42
CA ALA A 586 19.87 -7.61 -0.45
C ALA A 586 19.28 -6.46 0.35
N THR A 587 19.04 -5.35 -0.34
CA THR A 587 18.39 -4.20 0.24
C THR A 587 17.34 -3.68 -0.74
N ILE A 588 16.16 -3.36 -0.22
CA ILE A 588 15.16 -2.68 -1.03
C ILE A 588 15.50 -1.19 -1.08
N ILE A 589 15.56 -0.65 -2.29
CA ILE A 589 15.65 0.80 -2.44
C ILE A 589 14.26 1.43 -2.44
N TYR A 590 13.26 0.70 -2.94
CA TYR A 590 11.88 1.15 -2.91
C TYR A 590 10.96 -0.02 -3.22
N SER A 591 9.86 -0.13 -2.48
CA SER A 591 8.78 -1.05 -2.81
C SER A 591 7.48 -0.39 -2.43
N GLY A 592 6.58 -0.23 -3.39
CA GLY A 592 5.35 0.50 -3.10
C GLY A 592 4.57 0.78 -4.36
N GLY A 593 3.29 1.10 -4.21
CA GLY A 593 2.41 1.04 -5.36
C GLY A 593 2.48 -0.36 -5.95
N ASP A 594 2.97 -0.48 -7.18
CA ASP A 594 3.03 -1.77 -7.85
C ASP A 594 4.43 -2.09 -8.39
N ASP A 595 5.47 -1.59 -7.74
CA ASP A 595 6.83 -1.58 -8.29
C ASP A 595 7.86 -1.90 -7.20
N VAL A 596 8.95 -2.56 -7.56
CA VAL A 596 10.03 -2.87 -6.63
C VAL A 596 11.38 -2.58 -7.29
N PHE A 597 12.33 -2.09 -6.50
CA PHE A 597 13.70 -1.84 -6.97
C PHE A 597 14.63 -2.36 -5.89
N VAL A 598 15.40 -3.41 -6.20
CA VAL A 598 16.16 -4.18 -5.20
C VAL A 598 17.56 -4.43 -5.72
N VAL A 599 18.53 -4.36 -4.81
CA VAL A 599 19.93 -4.65 -5.11
C VAL A 599 20.45 -5.68 -4.12
N GLY A 600 21.61 -6.24 -4.42
CA GLY A 600 22.25 -7.17 -3.51
C GLY A 600 23.19 -8.09 -4.27
N ALA A 601 23.59 -9.17 -3.59
CA ALA A 601 24.34 -10.22 -4.26
C ALA A 601 23.53 -10.79 -5.40
N TRP A 602 24.20 -11.05 -6.52
CA TRP A 602 23.46 -11.22 -7.78
C TRP A 602 22.62 -12.49 -7.79
N ASP A 603 23.05 -13.53 -7.07
CA ASP A 603 22.27 -14.77 -7.10
C ASP A 603 21.11 -14.74 -6.12
N ASP A 604 21.32 -14.21 -4.91
CA ASP A 604 20.20 -13.94 -4.01
C ASP A 604 19.14 -13.10 -4.70
N VAL A 605 19.57 -12.12 -5.50
CA VAL A 605 18.65 -11.20 -6.17
C VAL A 605 17.84 -11.94 -7.21
N ILE A 606 18.46 -12.88 -7.92
CA ILE A 606 17.72 -13.69 -8.90
C ILE A 606 16.70 -14.58 -8.18
N GLU A 607 17.16 -15.30 -7.15
CA GLU A 607 16.27 -16.17 -6.40
C GLU A 607 15.18 -15.36 -5.72
N PHE A 608 15.48 -14.12 -5.37
CA PHE A 608 14.49 -13.30 -4.70
C PHE A 608 13.40 -12.86 -5.67
N GLY A 609 13.79 -12.45 -6.88
CA GLY A 609 12.80 -12.08 -7.88
C GLY A 609 11.81 -13.19 -8.14
N ILE A 610 12.31 -14.42 -8.27
CA ILE A 610 11.47 -15.57 -8.55
C ILE A 610 10.58 -15.91 -7.35
N GLU A 611 11.17 -16.00 -6.16
CA GLU A 611 10.36 -16.28 -4.99
C GLU A 611 9.34 -15.17 -4.71
N LEU A 612 9.71 -13.91 -4.93
CA LEU A 612 8.73 -12.83 -4.77
C LEU A 612 7.59 -12.99 -5.76
N ARG A 613 7.92 -13.24 -7.03
CA ARG A 613 6.87 -13.43 -8.03
C ARG A 613 5.93 -14.55 -7.64
N GLU A 614 6.46 -15.63 -7.05
CA GLU A 614 5.60 -16.74 -6.66
C GLU A 614 4.72 -16.39 -5.46
N ARG A 615 5.26 -15.67 -4.47
CA ARG A 615 4.38 -15.17 -3.41
C ARG A 615 3.28 -14.30 -4.00
N PHE A 616 3.66 -13.39 -4.88
CA PHE A 616 2.65 -12.52 -5.50
C PHE A 616 1.63 -13.35 -6.26
N HIS A 617 2.09 -14.42 -6.91
CA HIS A 617 1.22 -15.27 -7.71
C HIS A 617 0.21 -15.99 -6.83
N GLU A 618 0.65 -16.43 -5.65
CA GLU A 618 -0.26 -17.05 -4.70
C GLU A 618 -1.15 -16.01 -4.02
N PHE A 619 -0.59 -14.84 -3.70
CA PHE A 619 -1.37 -13.77 -3.06
C PHE A 619 -2.54 -13.32 -3.94
N THR A 620 -2.32 -13.16 -5.25
CA THR A 620 -3.35 -12.72 -6.18
C THR A 620 -4.09 -13.87 -6.86
N GLN A 621 -3.84 -15.11 -6.46
CA GLN A 621 -4.45 -16.30 -7.10
C GLN A 621 -4.25 -16.30 -8.61
N GLY A 622 -3.13 -15.74 -9.07
CA GLY A 622 -2.83 -15.61 -10.48
C GLY A 622 -3.60 -14.55 -11.24
N LYS A 623 -4.37 -13.69 -10.58
CA LYS A 623 -5.16 -12.71 -11.32
C LYS A 623 -4.35 -11.51 -11.78
N LEU A 624 -3.25 -11.19 -11.12
CA LEU A 624 -2.28 -10.25 -11.64
C LEU A 624 -0.98 -11.01 -11.86
N THR A 625 -0.19 -10.53 -12.80
CA THR A 625 1.14 -11.04 -13.02
C THR A 625 2.13 -9.90 -12.86
N VAL A 626 3.41 -10.25 -12.91
CA VAL A 626 4.47 -9.26 -12.79
C VAL A 626 5.53 -9.56 -13.84
N SER A 627 6.21 -8.50 -14.27
CA SER A 627 7.37 -8.60 -15.15
C SER A 627 8.57 -8.02 -14.42
N ALA A 628 9.76 -8.45 -14.83
CA ALA A 628 10.95 -8.05 -14.08
C ALA A 628 12.18 -7.91 -14.96
N GLY A 629 13.12 -7.15 -14.45
CA GLY A 629 14.46 -7.10 -15.04
C GLY A 629 15.48 -7.32 -13.94
N ILE A 630 16.52 -8.08 -14.27
CA ILE A 630 17.63 -8.36 -13.37
C ILE A 630 18.90 -8.03 -14.13
N GLY A 631 19.57 -6.96 -13.77
CA GLY A 631 20.86 -6.64 -14.35
C GLY A 631 22.00 -6.97 -13.42
N MET A 632 23.19 -7.07 -13.98
CA MET A 632 24.41 -7.27 -13.20
C MET A 632 25.43 -6.21 -13.56
N PHE A 633 26.14 -5.69 -12.55
CA PHE A 633 26.94 -4.48 -12.75
C PHE A 633 28.26 -4.46 -11.98
N PRO A 634 29.34 -3.88 -12.56
CA PRO A 634 30.56 -3.62 -11.78
C PRO A 634 30.37 -2.59 -10.67
N ASP A 635 31.46 -2.23 -9.97
CA ASP A 635 31.28 -1.62 -8.65
C ASP A 635 31.20 -0.10 -8.67
N LYS A 636 31.98 0.60 -9.49
CA LYS A 636 31.82 2.04 -9.54
C LYS A 636 30.70 2.48 -10.49
N TYR A 637 29.77 1.57 -10.80
CA TYR A 637 28.81 1.84 -11.86
C TYR A 637 27.81 2.90 -11.42
N PRO A 638 27.62 3.97 -12.18
CA PRO A 638 26.67 5.03 -11.76
C PRO A 638 25.26 4.48 -11.62
N ILE A 639 24.60 4.83 -10.52
CA ILE A 639 23.24 4.33 -10.27
C ILE A 639 22.30 4.77 -11.38
N SER A 640 22.50 5.97 -11.91
CA SER A 640 21.70 6.44 -13.03
C SER A 640 21.64 5.39 -14.14
N VAL A 641 22.83 4.95 -14.59
CA VAL A 641 22.94 3.97 -15.67
C VAL A 641 22.40 2.62 -15.23
N MET A 642 22.65 2.24 -13.97
CA MET A 642 22.11 0.97 -13.47
C MET A 642 20.60 0.94 -13.58
N ALA A 643 19.93 2.01 -13.18
CA ALA A 643 18.47 2.01 -13.16
C ALA A 643 17.91 1.98 -14.57
N ARG A 644 18.45 2.82 -15.46
CA ARG A 644 17.99 2.82 -16.85
C ARG A 644 18.23 1.46 -17.49
N GLU A 645 19.35 0.82 -17.16
CA GLU A 645 19.72 -0.41 -17.84
C GLU A 645 18.81 -1.56 -17.44
N VAL A 646 18.45 -1.64 -16.16
CA VAL A 646 17.54 -2.68 -15.68
C VAL A 646 16.12 -2.35 -16.11
N GLY A 647 15.75 -1.07 -16.10
CA GLY A 647 14.49 -0.66 -16.69
C GLY A 647 14.32 -1.12 -18.12
N ASP A 648 15.41 -1.06 -18.90
CA ASP A 648 15.38 -1.58 -20.26
C ASP A 648 15.22 -3.10 -20.27
N LEU A 649 15.86 -3.80 -19.34
CA LEU A 649 15.60 -5.24 -19.24
C LEU A 649 14.13 -5.50 -18.90
N GLU A 650 13.58 -4.72 -17.98
CA GLU A 650 12.16 -4.77 -17.66
C GLU A 650 11.30 -4.39 -18.86
N ASP A 651 11.76 -3.43 -19.67
CA ASP A 651 11.09 -3.13 -20.93
C ASP A 651 11.04 -4.36 -21.82
N ALA A 652 12.18 -5.04 -21.97
CA ALA A 652 12.20 -6.28 -22.76
C ALA A 652 11.20 -7.31 -22.24
N ALA A 653 11.04 -7.39 -20.93
CA ALA A 653 10.11 -8.37 -20.37
C ALA A 653 8.66 -7.92 -20.55
N LYS A 654 8.40 -6.61 -20.42
CA LYS A 654 7.07 -6.09 -20.64
C LYS A 654 6.65 -6.27 -22.10
N SER A 655 7.57 -6.07 -23.04
CA SER A 655 7.26 -6.11 -24.46
C SER A 655 7.07 -7.54 -24.99
N LEU A 656 7.23 -8.55 -24.15
CA LEU A 656 6.77 -9.87 -24.57
C LEU A 656 5.25 -9.91 -24.55
N PRO A 657 4.63 -10.53 -25.56
CA PRO A 657 3.17 -10.70 -25.52
C PRO A 657 2.77 -11.47 -24.27
N GLY A 658 1.79 -10.94 -23.54
CA GLY A 658 1.39 -11.52 -22.28
C GLY A 658 2.17 -11.04 -21.08
N LYS A 659 3.24 -10.28 -21.28
CA LYS A 659 3.98 -9.58 -20.23
C LYS A 659 4.64 -10.51 -19.20
N ASN A 660 3.85 -11.17 -18.36
CA ASN A 660 4.23 -12.07 -17.26
C ASN A 660 5.59 -12.77 -17.40
N GLY A 661 6.69 -12.01 -17.31
CA GLY A 661 7.98 -12.62 -17.59
C GLY A 661 9.14 -11.81 -17.06
N VAL A 662 10.35 -12.26 -17.38
CA VAL A 662 11.56 -11.70 -16.78
C VAL A 662 12.71 -11.78 -17.78
N ALA A 663 13.38 -10.64 -17.98
CA ALA A 663 14.66 -10.57 -18.68
C ALA A 663 15.77 -10.84 -17.67
N LEU A 664 16.48 -11.95 -17.85
CA LEU A 664 17.37 -12.43 -16.80
C LEU A 664 18.63 -11.60 -16.67
N PHE A 665 19.36 -11.41 -17.77
CA PHE A 665 20.64 -10.74 -17.72
C PHE A 665 20.77 -9.77 -18.88
N ASP A 666 21.67 -8.82 -18.70
CA ASP A 666 21.78 -7.58 -19.48
C ASP A 666 21.64 -7.74 -20.98
N ARG A 667 21.45 -8.98 -21.45
CA ARG A 667 20.98 -9.27 -22.80
C ARG A 667 19.45 -9.12 -22.81
N GLU A 668 18.79 -9.62 -23.84
CA GLU A 668 17.35 -9.48 -23.84
C GLU A 668 16.64 -10.78 -24.22
N PHE A 669 17.29 -11.94 -24.04
CA PHE A 669 16.54 -13.18 -24.01
C PHE A 669 15.66 -13.23 -22.76
N THR A 670 14.40 -13.58 -22.94
CA THR A 670 13.37 -13.36 -21.95
C THR A 670 12.59 -14.63 -21.73
N PHE A 671 12.24 -14.92 -20.48
CA PHE A 671 11.67 -16.19 -20.11
C PHE A 671 10.39 -16.01 -19.31
N GLY A 672 9.51 -17.00 -19.42
CA GLY A 672 8.42 -17.11 -18.48
C GLY A 672 8.93 -17.40 -17.09
N TRP A 673 8.18 -16.91 -16.10
CA TRP A 673 8.59 -17.09 -14.71
C TRP A 673 8.75 -18.56 -14.38
N ASP A 674 7.76 -19.38 -14.73
CA ASP A 674 7.79 -20.79 -14.38
C ASP A 674 8.78 -21.58 -15.23
N GLU A 675 9.11 -21.10 -16.43
CA GLU A 675 10.13 -21.74 -17.23
C GLU A 675 11.54 -21.37 -16.77
N LEU A 676 11.74 -20.18 -16.23
CA LEU A 676 13.06 -19.82 -15.76
C LEU A 676 13.49 -20.71 -14.60
N LEU A 677 12.60 -20.91 -13.64
CA LEU A 677 12.92 -21.69 -12.46
C LEU A 677 13.04 -23.17 -12.79
N SER A 678 12.00 -23.74 -13.40
CA SER A 678 11.95 -25.19 -13.59
C SER A 678 12.82 -25.66 -14.75
N LYS A 679 12.80 -24.94 -15.88
CA LYS A 679 13.57 -25.34 -17.05
C LYS A 679 14.99 -24.81 -17.02
N VAL A 680 15.14 -23.48 -17.01
CA VAL A 680 16.47 -22.88 -17.03
C VAL A 680 17.24 -23.22 -15.75
N ILE A 681 16.60 -23.07 -14.59
CA ILE A 681 17.33 -23.23 -13.34
C ILE A 681 17.44 -24.70 -12.93
N GLU A 682 16.32 -25.38 -12.81
CA GLU A 682 16.32 -26.69 -12.17
C GLU A 682 16.40 -27.86 -13.16
N GLU A 683 16.41 -27.59 -14.46
CA GLU A 683 16.67 -28.62 -15.46
C GLU A 683 18.03 -28.38 -16.11
N LYS A 684 18.17 -27.37 -16.96
CA LYS A 684 19.43 -27.13 -17.67
C LYS A 684 20.57 -26.81 -16.70
N TYR A 685 20.36 -25.84 -15.80
CA TYR A 685 21.49 -25.31 -15.05
C TYR A 685 22.13 -26.38 -14.17
N ARG A 686 21.35 -27.01 -13.31
CA ARG A 686 21.97 -27.95 -12.38
C ARG A 686 22.35 -29.25 -13.06
N HIS A 687 21.77 -29.57 -14.22
CA HIS A 687 22.38 -30.56 -15.08
C HIS A 687 23.87 -30.26 -15.24
N ILE A 688 24.20 -29.05 -15.68
CA ILE A 688 25.61 -28.66 -15.75
C ILE A 688 26.23 -28.65 -14.36
N ALA A 689 25.53 -28.10 -13.37
CA ALA A 689 26.11 -27.95 -12.03
C ALA A 689 26.36 -29.29 -11.36
N ASP A 690 25.41 -30.23 -11.44
CA ASP A 690 25.58 -31.53 -10.79
C ASP A 690 26.73 -32.32 -11.41
N TYR A 691 26.86 -32.26 -12.72
CA TYR A 691 27.78 -33.13 -13.44
C TYR A 691 29.12 -32.47 -13.69
N PHE A 692 29.39 -31.34 -13.03
CA PHE A 692 30.68 -30.66 -13.13
C PHE A 692 31.15 -30.16 -11.79
N SER A 693 30.57 -30.67 -10.68
CA SER A 693 30.72 -30.15 -9.32
C SER A 693 32.16 -29.75 -8.97
N GLY A 694 32.91 -30.66 -8.36
CA GLY A 694 34.30 -30.37 -8.02
C GLY A 694 35.22 -31.08 -8.98
N ASN A 695 35.03 -30.83 -10.27
CA ASN A 695 35.61 -31.65 -11.32
C ASN A 695 36.89 -31.03 -11.87
N GLU A 696 37.89 -31.88 -12.11
CA GLU A 696 39.21 -31.46 -12.57
C GLU A 696 39.10 -30.66 -13.86
N GLU A 697 39.01 -31.36 -15.00
CA GLU A 697 38.85 -30.71 -16.30
C GLU A 697 37.78 -29.64 -16.22
N ARG A 698 38.22 -28.39 -16.20
CA ARG A 698 37.34 -27.32 -15.75
C ARG A 698 36.14 -27.17 -16.67
N GLY A 699 34.95 -27.21 -16.06
CA GLY A 699 33.73 -26.90 -16.78
C GLY A 699 33.80 -25.56 -17.48
N MET A 700 34.62 -24.64 -16.96
CA MET A 700 34.87 -23.39 -17.67
C MET A 700 35.39 -23.67 -19.07
N ALA A 701 36.36 -24.58 -19.20
CA ALA A 701 36.85 -24.95 -20.51
C ALA A 701 35.72 -25.53 -21.35
N PHE A 702 34.99 -26.50 -20.79
CA PHE A 702 33.94 -27.16 -21.55
C PHE A 702 32.84 -26.19 -21.94
N ILE A 703 32.35 -25.40 -20.99
CA ILE A 703 31.22 -24.52 -21.26
C ILE A 703 31.60 -23.42 -22.26
N TYR A 704 32.79 -22.82 -22.09
CA TYR A 704 33.25 -21.76 -22.98
C TYR A 704 33.28 -22.23 -24.43
N LYS A 705 33.91 -23.38 -24.70
CA LYS A 705 33.94 -23.89 -26.06
C LYS A 705 32.58 -24.40 -26.49
N LEU A 706 31.77 -24.87 -25.53
CA LEU A 706 30.40 -25.24 -25.86
C LEU A 706 29.56 -24.00 -26.14
N LEU A 707 29.83 -22.89 -25.44
CA LEU A 707 29.20 -21.62 -25.81
C LEU A 707 29.63 -21.19 -27.20
N GLU A 708 30.82 -21.60 -27.63
CA GLU A 708 31.27 -21.38 -29.01
C GLU A 708 30.46 -22.24 -29.96
N TRP A 722 28.60 -32.25 -36.45
CA TRP A 722 29.51 -31.39 -35.70
C TRP A 722 29.53 -31.79 -34.23
N VAL A 723 28.46 -32.44 -33.78
CA VAL A 723 28.28 -32.66 -32.36
C VAL A 723 29.32 -33.64 -31.82
N TYR A 724 29.50 -34.80 -32.45
CA TYR A 724 30.50 -35.71 -31.93
C TYR A 724 31.91 -35.35 -32.38
N PHE A 725 32.06 -34.55 -33.43
CA PHE A 725 33.38 -33.97 -33.71
C PHE A 725 33.81 -33.07 -32.55
N LEU A 726 32.88 -32.24 -32.06
CA LEU A 726 33.15 -31.40 -30.89
C LEU A 726 33.73 -32.23 -29.74
N THR A 727 33.35 -33.49 -29.64
CA THR A 727 34.02 -34.44 -28.77
C THR A 727 35.31 -34.95 -29.38
N PRO A 738 32.71 -36.07 -22.63
CA PRO A 738 31.95 -36.05 -21.38
C PRO A 738 31.26 -37.38 -21.14
N PHE A 739 30.59 -37.53 -20.01
CA PHE A 739 29.81 -38.75 -19.80
C PHE A 739 28.78 -38.87 -20.91
N GLN A 740 28.71 -40.07 -21.50
CA GLN A 740 27.77 -40.32 -22.60
C GLN A 740 26.37 -39.85 -22.25
N GLN A 741 25.94 -40.08 -21.01
CA GLN A 741 24.64 -39.66 -20.55
C GLN A 741 24.59 -38.17 -20.26
N PHE A 742 25.75 -37.54 -20.08
CA PHE A 742 25.83 -36.10 -19.87
C PHE A 742 25.81 -35.35 -21.21
N ALA A 743 26.66 -35.78 -22.14
CA ALA A 743 26.67 -35.13 -23.45
C ALA A 743 25.33 -35.27 -24.15
N ASN A 744 24.70 -36.45 -24.05
CA ASN A 744 23.56 -36.74 -24.90
C ASN A 744 22.35 -35.89 -24.54
N ARG A 745 22.12 -35.66 -23.25
CA ARG A 745 21.02 -34.79 -22.84
C ARG A 745 21.25 -33.36 -23.35
N LEU A 746 22.50 -32.92 -23.40
CA LEU A 746 22.79 -31.62 -23.99
C LEU A 746 22.44 -31.62 -25.47
N HIS A 747 22.79 -32.70 -26.17
CA HIS A 747 22.59 -32.76 -27.62
C HIS A 747 21.11 -32.60 -27.97
N GLN A 748 20.26 -33.36 -27.30
CA GLN A 748 18.84 -33.30 -27.61
C GLN A 748 18.24 -31.92 -27.34
N TRP A 749 18.84 -31.14 -26.44
CA TRP A 749 18.34 -29.79 -26.19
C TRP A 749 18.72 -28.83 -27.31
N PHE A 750 19.85 -29.04 -27.98
CA PHE A 750 20.31 -28.14 -29.02
C PHE A 750 19.63 -28.42 -30.35
N GLN A 751 18.30 -28.51 -30.38
CA GLN A 751 17.66 -28.73 -31.67
C GLN A 751 17.27 -27.39 -32.27
N ASP A 752 15.98 -27.13 -32.43
CA ASP A 752 15.55 -25.79 -32.80
C ASP A 752 14.58 -25.16 -31.79
N PRO A 753 14.24 -25.82 -30.67
CA PRO A 753 13.05 -25.38 -29.94
C PRO A 753 13.39 -24.20 -29.04
N THR A 754 12.55 -23.98 -28.04
CA THR A 754 12.91 -23.09 -26.95
C THR A 754 13.94 -23.71 -26.02
N ASP A 755 14.17 -25.03 -26.10
CA ASP A 755 15.14 -25.69 -25.23
C ASP A 755 16.56 -25.20 -25.48
N ALA A 756 16.84 -24.74 -26.69
CA ALA A 756 18.19 -24.29 -27.01
C ALA A 756 18.53 -23.00 -26.28
N LYS A 757 17.59 -22.05 -26.25
CA LYS A 757 17.85 -20.71 -25.71
C LYS A 757 17.88 -20.72 -24.19
N GLN A 758 17.02 -21.51 -23.54
CA GLN A 758 17.12 -21.67 -22.09
C GLN A 758 18.48 -22.22 -21.71
N LEU A 759 18.99 -23.17 -22.50
CA LEU A 759 20.27 -23.82 -22.25
C LEU A 759 21.40 -22.80 -22.22
N LYS A 760 21.41 -21.91 -23.21
CA LYS A 760 22.45 -20.88 -23.28
C LYS A 760 22.43 -19.99 -22.04
N THR A 761 21.23 -19.61 -21.59
CA THR A 761 21.13 -18.86 -20.34
C THR A 761 21.66 -19.68 -19.18
N ALA A 762 21.35 -20.98 -19.15
CA ALA A 762 21.87 -21.83 -18.09
C ALA A 762 23.39 -21.90 -18.11
N LEU A 763 24.00 -22.02 -19.30
CA LEU A 763 25.45 -22.02 -19.40
C LEU A 763 26.04 -20.70 -18.95
N HIS A 764 25.44 -19.59 -19.39
CA HIS A 764 25.81 -18.27 -18.89
C HIS A 764 25.81 -18.22 -17.37
N LEU A 765 24.80 -18.85 -16.76
CA LEU A 765 24.72 -18.88 -15.29
C LEU A 765 25.92 -19.58 -14.68
N TYR A 766 26.31 -20.74 -15.24
CA TYR A 766 27.45 -21.47 -14.71
C TYR A 766 28.69 -20.58 -14.67
N ILE A 767 28.94 -19.85 -15.76
CA ILE A 767 30.12 -18.99 -15.85
C ILE A 767 30.15 -17.98 -14.71
N TYR A 768 29.07 -17.20 -14.56
CA TYR A 768 29.03 -16.15 -13.55
C TYR A 768 29.17 -16.71 -12.14
N ARG A 769 28.65 -17.92 -11.89
CA ARG A 769 28.73 -18.53 -10.57
C ARG A 769 30.12 -19.09 -10.29
N THR A 770 30.76 -19.71 -11.29
CA THR A 770 31.95 -20.52 -11.06
C THR A 770 33.25 -19.77 -11.31
N ARG A 771 33.32 -18.90 -12.32
CA ARG A 771 34.59 -18.29 -12.69
C ARG A 771 35.12 -17.43 -11.55
N LYS A 772 36.41 -17.60 -11.25
CA LYS A 772 37.06 -17.04 -10.07
C LYS A 772 36.31 -17.41 -8.80
PG ATP B . 3.34 9.42 -14.86
O1G ATP B . 3.31 9.90 -13.42
O2G ATP B . 2.45 8.24 -15.16
O3G ATP B . 3.28 10.54 -15.88
PB ATP B . 5.31 7.57 -14.15
O1B ATP B . 4.83 6.30 -14.81
O2B ATP B . 4.88 7.88 -12.73
O3B ATP B . 4.83 8.82 -15.05
PA ATP B . 7.93 7.98 -13.08
O1A ATP B . 9.30 8.24 -13.66
O2A ATP B . 7.32 9.06 -12.22
O3A ATP B . 6.92 7.68 -14.31
O5' ATP B . 8.02 6.58 -12.25
C5' ATP B . 6.94 6.02 -11.50
C4' ATP B . 7.43 4.84 -10.67
O4' ATP B . 8.18 5.31 -9.54
C3' ATP B . 6.28 3.98 -10.12
O3' ATP B . 6.45 2.61 -10.52
C2' ATP B . 6.42 4.04 -8.61
O2' ATP B . 6.22 2.76 -8.04
C1' ATP B . 7.85 4.52 -8.40
N9 ATP B . 7.96 5.25 -7.11
C8 ATP B . 6.96 5.92 -6.48
N7 ATP B . 7.40 6.44 -5.31
C5 ATP B . 8.70 6.09 -5.17
C6 ATP B . 9.78 6.31 -4.17
N6 ATP B . 9.56 7.03 -3.04
N1 ATP B . 11.00 5.77 -4.42
C2 ATP B . 11.25 5.07 -5.53
N3 ATP B . 10.31 4.84 -6.47
C4 ATP B . 9.05 5.31 -6.35
PG ATP C . 1.56 -2.05 -16.71
O1G ATP C . 2.37 -1.55 -17.84
O2G ATP C . 0.97 -3.49 -16.73
O3G ATP C . 2.36 -1.72 -15.47
PB ATP C . -0.42 -0.63 -15.28
O1B ATP C . -1.99 -0.31 -15.13
O2B ATP C . -0.21 -1.92 -14.45
O3B ATP C . 0.22 -1.10 -16.69
PA ATP C . 1.64 1.43 -14.45
O1A ATP C . 2.29 2.57 -15.18
O2A ATP C . 2.53 0.52 -13.65
O3A ATP C . 0.66 0.58 -15.45
O5' ATP C . 0.51 2.05 -13.49
C5' ATP C . 0.12 1.45 -12.25
C4' ATP C . -1.04 2.33 -11.78
O4' ATP C . -1.68 1.82 -10.61
C3' ATP C . -0.53 3.68 -11.37
O3' ATP C . -1.69 4.51 -11.47
C2' ATP C . -0.27 3.51 -9.90
O2' ATP C . -0.18 4.80 -9.27
C1' ATP C . -1.48 2.68 -9.50
N9 ATP C . -1.29 1.87 -8.26
C8 ATP C . -0.23 1.08 -7.97
N7 ATP C . -0.39 0.49 -6.76
C5 ATP C . -1.55 0.94 -6.24
C6 ATP C . -2.30 0.76 -4.98
N6 ATP C . -1.85 -0.05 -4.01
N1 ATP C . -3.46 1.43 -4.83
C2 ATP C . -3.94 2.25 -5.78
N3 ATP C . -3.32 2.46 -6.94
C4 ATP C . -2.14 1.86 -7.23
MG MG D . 2.58 -1.59 -13.62
MG MG E . 4.39 0.80 -11.83
MG MG F . 7.17 10.37 -16.30
#